data_6J0V
#
_entry.id   6J0V
#
_cell.length_a   72.404
_cell.length_b   98.905
_cell.length_c   87.464
_cell.angle_alpha   90.000
_cell.angle_beta   108.970
_cell.angle_gamma   90.000
#
_symmetry.space_group_name_H-M   'P 1 21 1'
#
loop_
_entity.id
_entity.type
_entity.pdbx_description
1 polymer 'Regulator of Ty1 transposition protein 107'
2 water water
#
_entity_poly.entity_id   1
_entity_poly.type   'polypeptide(L)'
_entity_poly.pdbx_seq_one_letter_code
;MSTSLLFEQLNFLILVAAEAELPIAHSTRKLLMDNSCNNCQIYELYNENLKDVKTDKDWFMNKFGPQTVHFVISNTINFP
FYKIVYFDLLIPVVSHTWVQDSVKTKRHLRTNMYSPNPFHLLRDCQVYISKSSFNKCEYILYSDLLHLLGGTLVNYISNR
TTHVIVQSPQDPIIATVSKLTFGSFSSSSTNKHTEKPLREWKFVYPIWILYHFKMAKPLKGELATLCELDMQDTSEEQLF
AKWEEVIGDKQTSSSQLTLHPNKTLFKNHHFAISPDLNFFTPLYWFLKGFIEDLDGKVTPLSFSDDLKSVYQAFPDIDCY
IGHSANSPILEKTKSIKPEIHVGNVSWLFYMFALQKFTPVSQCKLIHQPFHAKLFTSKELTVAYTNYFGSQRFYIQRLVE
ILGGLSTPELTRKNTHLITKSTIGKKFKVAKKWSLDPQNAIIVTNHMWLEQCYMNNSKLNPKDSRFQNFKLDDNMGWNIG
QIGMDHSSLPTPKNLSMVTYDTQSISEKPPPTN
;
_entity_poly.pdbx_strand_id   A,B
#
# COMPACT_ATOMS: atom_id res chain seq x y z
N SER A 2 30.26 6.09 -8.35
CA SER A 2 30.50 5.83 -9.76
C SER A 2 29.72 6.80 -10.62
N THR A 3 30.01 6.85 -11.93
CA THR A 3 29.32 7.75 -12.85
C THR A 3 28.85 6.98 -14.08
N SER A 4 28.01 7.64 -14.87
CA SER A 4 27.52 7.09 -16.12
C SER A 4 26.74 8.15 -16.86
N LEU A 5 26.21 7.81 -18.03
CA LEU A 5 25.36 8.70 -18.81
C LEU A 5 23.92 8.21 -18.81
N LEU A 6 23.58 7.35 -17.85
CA LEU A 6 22.28 6.69 -17.85
C LEU A 6 21.12 7.66 -18.02
N PHE A 7 21.21 8.84 -17.41
CA PHE A 7 20.12 9.79 -17.33
C PHE A 7 20.26 10.94 -18.32
N GLU A 8 21.25 10.88 -19.22
CA GLU A 8 21.56 11.97 -20.13
C GLU A 8 20.31 12.54 -20.78
N GLN A 9 20.18 13.87 -20.73
CA GLN A 9 19.12 14.60 -21.41
C GLN A 9 17.76 14.37 -20.79
N LEU A 10 17.70 13.67 -19.67
CA LEU A 10 16.44 13.43 -18.97
C LEU A 10 16.36 14.36 -17.78
N ASN A 11 15.23 15.04 -17.65
CA ASN A 11 15.00 15.99 -16.57
C ASN A 11 14.16 15.34 -15.47
N PHE A 12 14.52 15.64 -14.23
CA PHE A 12 13.88 15.07 -13.05
C PHE A 12 13.33 16.17 -12.17
N LEU A 13 12.22 15.89 -11.49
CA LEU A 13 11.65 16.80 -10.49
C LEU A 13 11.42 16.03 -9.20
N ILE A 14 12.16 16.39 -8.15
CA ILE A 14 12.07 15.74 -6.85
C ILE A 14 11.12 16.54 -5.98
N LEU A 15 10.08 15.89 -5.48
CA LEU A 15 9.11 16.51 -4.59
C LEU A 15 9.43 16.09 -3.18
N VAL A 16 9.54 17.07 -2.28
CA VAL A 16 9.86 16.83 -0.88
C VAL A 16 8.59 17.14 -0.08
N ALA A 17 7.96 16.07 0.43
CA ALA A 17 6.70 16.25 1.15
C ALA A 17 6.92 16.85 2.52
N ALA A 18 7.95 16.39 3.24
CA ALA A 18 8.26 16.96 4.54
C ALA A 18 9.78 17.14 4.68
N GLU A 19 10.14 18.06 5.57
CA GLU A 19 11.55 18.31 5.88
C GLU A 19 12.30 17.03 6.24
N ALA A 20 11.62 16.07 6.85
CA ALA A 20 12.24 14.79 7.20
C ALA A 20 12.71 14.00 5.99
N GLU A 21 12.28 14.40 4.78
CA GLU A 21 12.69 13.72 3.56
C GLU A 21 13.93 14.32 2.91
N LEU A 22 14.42 15.47 3.40
CA LEU A 22 15.58 16.10 2.78
C LEU A 22 16.78 15.18 2.66
N PRO A 23 17.08 14.28 3.59
CA PRO A 23 18.18 13.34 3.34
C PRO A 23 17.99 12.49 2.09
N ILE A 24 16.84 11.83 1.96
CA ILE A 24 16.67 10.95 0.80
C ILE A 24 16.52 11.76 -0.49
N ALA A 25 16.07 13.02 -0.40
CA ALA A 25 15.99 13.86 -1.59
C ALA A 25 17.38 14.21 -2.10
N HIS A 26 18.24 14.68 -1.19
CA HIS A 26 19.65 14.95 -1.50
C HIS A 26 20.35 13.69 -2.00
N SER A 27 20.13 12.56 -1.33
CA SER A 27 20.72 11.30 -1.74
C SER A 27 20.28 10.90 -3.16
N THR A 28 19.01 11.04 -3.47
CA THR A 28 18.55 10.71 -4.80
C THR A 28 19.08 11.71 -5.83
N ARG A 29 19.19 12.99 -5.47
CA ARG A 29 19.67 13.97 -6.43
C ARG A 29 21.16 13.78 -6.72
N LYS A 30 21.92 13.34 -5.73
CA LYS A 30 23.32 13.00 -5.97
C LYS A 30 23.42 11.85 -6.96
N LEU A 31 22.63 10.80 -6.74
CA LEU A 31 22.57 9.69 -7.68
C LEU A 31 22.21 10.16 -9.07
N LEU A 32 21.31 11.16 -9.16
CA LEU A 32 20.86 11.57 -10.48
C LEU A 32 21.92 12.40 -11.19
N MET A 33 22.58 13.30 -10.46
CA MET A 33 23.62 14.11 -11.05
C MET A 33 24.80 13.26 -11.49
N ASP A 34 25.25 12.34 -10.62
CA ASP A 34 26.43 11.55 -10.96
C ASP A 34 26.21 10.66 -12.17
N ASN A 35 24.95 10.36 -12.47
CA ASN A 35 24.63 9.58 -13.66
C ASN A 35 24.03 10.44 -14.77
N SER A 36 24.37 11.74 -14.77
CA SER A 36 24.29 12.62 -15.96
C SER A 36 22.88 13.08 -16.27
N CYS A 37 22.03 13.27 -15.26
CA CYS A 37 20.75 13.90 -15.54
C CYS A 37 20.99 15.28 -16.09
N ASN A 38 20.07 15.74 -16.92
CA ASN A 38 20.19 17.07 -17.49
C ASN A 38 19.81 18.10 -16.43
N ASN A 39 18.52 18.32 -16.19
CA ASN A 39 18.06 19.18 -15.11
C ASN A 39 17.42 18.34 -14.02
N CYS A 40 17.77 18.63 -12.75
CA CYS A 40 17.46 17.76 -11.61
C CYS A 40 16.98 18.67 -10.48
N GLN A 41 15.72 19.09 -10.56
CA GLN A 41 15.16 20.08 -9.64
C GLN A 41 14.65 19.43 -8.37
N ILE A 42 14.71 20.18 -7.28
CA ILE A 42 14.15 19.81 -5.98
C ILE A 42 13.12 20.86 -5.62
N TYR A 43 11.92 20.41 -5.28
CA TYR A 43 10.84 21.33 -4.94
C TYR A 43 10.18 20.89 -3.63
N GLU A 44 10.09 21.80 -2.66
CA GLU A 44 9.61 21.49 -1.31
C GLU A 44 8.13 21.83 -1.21
N LEU A 45 7.30 20.80 -1.10
CA LEU A 45 5.85 20.99 -0.98
C LEU A 45 5.48 21.73 0.30
N TYR A 46 6.16 21.39 1.40
CA TYR A 46 5.82 21.91 2.71
C TYR A 46 6.22 23.38 2.87
N ASN A 47 7.20 23.83 2.12
CA ASN A 47 7.77 25.16 2.34
C ASN A 47 7.05 26.25 1.56
N GLU A 48 5.91 25.93 0.94
CA GLU A 48 5.16 26.92 0.19
C GLU A 48 3.68 26.59 0.34
N ASN A 49 2.91 27.53 0.88
CA ASN A 49 1.48 27.32 1.06
C ASN A 49 0.78 27.30 -0.30
N LEU A 50 0.70 26.11 -0.90
CA LEU A 50 -0.05 25.96 -2.15
C LEU A 50 -1.55 26.06 -1.91
N LYS A 51 -2.01 26.04 -0.66
CA LYS A 51 -3.36 26.44 -0.34
C LYS A 51 -3.68 27.77 -1.00
N ASP A 52 -4.71 27.77 -1.85
CA ASP A 52 -5.20 28.98 -2.52
C ASP A 52 -4.14 29.56 -3.46
N VAL A 53 -3.69 28.71 -4.38
CA VAL A 53 -3.00 29.12 -5.61
C VAL A 53 -3.23 28.03 -6.64
N LYS A 54 -3.62 28.44 -7.83
CA LYS A 54 -4.10 27.53 -8.86
C LYS A 54 -2.92 26.76 -9.44
N THR A 55 -2.67 25.56 -8.92
CA THR A 55 -1.59 24.71 -9.41
C THR A 55 -2.10 23.86 -10.58
N ASP A 56 -2.31 24.53 -11.69
CA ASP A 56 -2.80 23.88 -12.89
C ASP A 56 -1.66 23.69 -13.90
N LYS A 57 -2.05 23.34 -15.13
CA LYS A 57 -1.10 23.01 -16.18
C LYS A 57 -0.18 24.19 -16.51
N ASP A 58 -0.76 25.37 -16.74
CA ASP A 58 0.07 26.53 -17.02
C ASP A 58 1.02 26.82 -15.86
N TRP A 59 0.49 26.82 -14.62
CA TRP A 59 1.33 27.01 -13.45
C TRP A 59 2.50 26.03 -13.43
N PHE A 60 2.20 24.74 -13.64
CA PHE A 60 3.27 23.74 -13.67
C PHE A 60 4.24 24.01 -14.81
N MET A 61 3.71 24.44 -15.96
CA MET A 61 4.56 24.66 -17.12
C MET A 61 5.51 25.82 -16.87
N ASN A 62 5.00 26.92 -16.32
CA ASN A 62 5.86 28.07 -16.08
C ASN A 62 6.80 27.82 -14.89
N LYS A 63 6.30 27.28 -13.79
CA LYS A 63 7.18 27.08 -12.64
C LYS A 63 8.32 26.12 -12.95
N PHE A 64 8.03 24.97 -13.57
CA PHE A 64 9.04 23.94 -13.75
C PHE A 64 9.54 23.79 -15.18
N GLY A 65 9.04 24.60 -16.12
CA GLY A 65 9.44 24.49 -17.50
C GLY A 65 10.59 25.42 -17.86
N PRO A 66 10.77 25.70 -19.17
CA PRO A 66 9.93 25.28 -20.31
C PRO A 66 10.26 23.90 -20.90
N GLN A 67 11.44 23.35 -20.59
CA GLN A 67 11.73 21.98 -21.00
C GLN A 67 10.83 21.00 -20.26
N THR A 68 10.69 19.81 -20.83
CA THR A 68 9.81 18.84 -20.23
C THR A 68 10.47 18.21 -19.00
N VAL A 69 9.63 17.79 -18.06
CA VAL A 69 10.04 16.99 -16.93
C VAL A 69 9.73 15.55 -17.28
N HIS A 70 10.75 14.70 -17.24
CA HIS A 70 10.61 13.32 -17.68
C HIS A 70 10.15 12.39 -16.59
N PHE A 71 10.48 12.71 -15.35
CA PHE A 71 10.08 11.88 -14.21
C PHE A 71 9.90 12.80 -13.01
N VAL A 72 8.81 12.61 -12.29
CA VAL A 72 8.60 13.26 -11.01
C VAL A 72 8.91 12.21 -9.97
N ILE A 73 9.83 12.52 -9.06
CA ILE A 73 10.22 11.57 -8.02
C ILE A 73 9.44 11.94 -6.78
N SER A 74 8.62 11.01 -6.32
CA SER A 74 7.83 11.26 -5.12
C SER A 74 7.40 9.92 -4.53
N ASN A 75 7.33 9.85 -3.20
CA ASN A 75 6.79 8.70 -2.50
C ASN A 75 5.34 8.90 -2.11
N THR A 76 4.78 10.08 -2.34
CA THR A 76 3.37 10.35 -2.18
C THR A 76 2.78 10.93 -3.47
N ILE A 77 1.50 10.64 -3.72
CA ILE A 77 0.74 11.35 -4.75
C ILE A 77 -0.01 12.55 -4.19
N ASN A 78 -0.04 12.75 -2.87
CA ASN A 78 -0.72 13.90 -2.27
C ASN A 78 0.07 15.17 -2.56
N PHE A 79 -0.08 15.68 -3.79
CA PHE A 79 0.32 17.06 -4.01
C PHE A 79 -0.67 17.68 -4.99
N PRO A 80 -0.89 18.99 -4.92
CA PRO A 80 -2.06 19.56 -5.63
C PRO A 80 -1.96 19.52 -7.16
N PHE A 81 -0.85 19.08 -7.73
CA PHE A 81 -0.73 19.04 -9.18
C PHE A 81 -0.43 17.63 -9.67
N TYR A 82 -0.71 16.63 -8.83
CA TYR A 82 -0.54 15.25 -9.26
C TYR A 82 -1.41 14.94 -10.49
N LYS A 83 -2.72 15.25 -10.43
CA LYS A 83 -3.58 14.95 -11.59
C LYS A 83 -3.07 15.67 -12.85
N ILE A 84 -2.68 16.94 -12.70
CA ILE A 84 -2.07 17.72 -13.78
C ILE A 84 -0.88 16.96 -14.38
N VAL A 85 0.02 16.48 -13.52
CA VAL A 85 1.21 15.80 -14.01
C VAL A 85 0.88 14.42 -14.53
N TYR A 86 0.06 13.66 -13.82
CA TYR A 86 0.01 12.25 -14.17
C TYR A 86 -1.04 11.94 -15.23
N PHE A 87 -2.21 12.54 -15.15
CA PHE A 87 -3.26 12.23 -16.11
C PHE A 87 -3.27 13.17 -17.32
N ASP A 88 -2.87 14.43 -17.16
CA ASP A 88 -2.79 15.36 -18.30
C ASP A 88 -1.47 15.24 -19.05
N LEU A 89 -0.39 15.69 -18.45
CA LEU A 89 0.87 15.73 -19.18
C LEU A 89 1.50 14.37 -19.34
N LEU A 90 0.99 13.36 -18.62
CA LEU A 90 1.41 11.98 -18.79
C LEU A 90 2.87 11.78 -18.43
N ILE A 91 3.29 12.45 -17.36
CA ILE A 91 4.64 12.31 -16.81
C ILE A 91 4.61 11.25 -15.72
N PRO A 92 5.48 10.25 -15.76
CA PRO A 92 5.51 9.25 -14.68
C PRO A 92 5.84 9.89 -13.33
N VAL A 93 5.30 9.30 -12.28
CA VAL A 93 5.54 9.73 -10.91
C VAL A 93 6.06 8.51 -10.16
N VAL A 94 7.33 8.52 -9.79
CA VAL A 94 7.93 7.31 -9.28
C VAL A 94 8.61 7.56 -7.95
N SER A 95 8.66 6.51 -7.13
CA SER A 95 9.31 6.57 -5.83
C SER A 95 10.82 6.72 -5.97
N HIS A 96 11.46 7.21 -4.91
CA HIS A 96 12.91 7.28 -4.90
C HIS A 96 13.53 5.95 -5.31
N THR A 97 12.92 4.84 -4.87
CA THR A 97 13.42 3.49 -5.12
C THR A 97 13.64 3.22 -6.60
N TRP A 98 12.97 3.98 -7.48
CA TRP A 98 13.21 3.80 -8.90
C TRP A 98 14.61 4.24 -9.25
N VAL A 99 15.04 5.38 -8.71
CA VAL A 99 16.34 5.95 -9.04
C VAL A 99 17.46 5.00 -8.60
N GLN A 100 17.32 4.41 -7.41
CA GLN A 100 18.35 3.51 -6.93
C GLN A 100 18.41 2.23 -7.74
N ASP A 101 17.27 1.56 -7.90
CA ASP A 101 17.22 0.37 -8.73
C ASP A 101 17.65 0.69 -10.17
N SER A 102 17.18 1.83 -10.72
CA SER A 102 17.54 2.21 -12.08
C SER A 102 19.06 2.31 -12.23
N VAL A 103 19.74 2.78 -11.19
CA VAL A 103 21.19 2.88 -11.23
C VAL A 103 21.84 1.50 -11.14
N LYS A 104 21.41 0.69 -10.17
CA LYS A 104 22.02 -0.62 -9.98
C LYS A 104 21.76 -1.54 -11.18
N THR A 105 20.55 -1.49 -11.75
CA THR A 105 20.26 -2.30 -12.93
C THR A 105 20.88 -1.72 -14.20
N LYS A 106 21.30 -0.46 -14.16
CA LYS A 106 21.82 0.25 -15.33
C LYS A 106 20.89 0.07 -16.54
N ARG A 107 19.64 0.49 -16.36
CA ARG A 107 18.73 0.66 -17.49
C ARG A 107 17.48 1.40 -17.04
N HIS A 108 16.72 1.86 -18.02
CA HIS A 108 15.47 2.57 -17.75
C HIS A 108 14.43 1.54 -17.32
N LEU A 109 14.28 1.37 -16.02
CA LEU A 109 13.28 0.45 -15.50
C LEU A 109 11.88 0.95 -15.78
N ARG A 110 10.97 0.01 -16.01
CA ARG A 110 9.57 0.38 -16.14
C ARG A 110 9.11 1.14 -14.90
N THR A 111 8.28 2.16 -15.11
CA THR A 111 7.86 3.01 -14.01
C THR A 111 6.67 2.48 -13.24
N ASN A 112 5.83 1.64 -13.85
CA ASN A 112 4.58 1.21 -13.24
C ASN A 112 4.78 0.69 -11.83
N MET A 113 5.73 -0.24 -11.66
CA MET A 113 5.93 -0.88 -10.37
C MET A 113 6.19 0.13 -9.27
N TYR A 114 6.60 1.34 -9.63
CA TYR A 114 7.16 2.31 -8.69
C TYR A 114 6.24 3.47 -8.41
N SER A 115 5.03 3.46 -8.94
CA SER A 115 4.10 4.54 -8.70
C SER A 115 3.68 4.54 -7.23
N PRO A 116 3.64 5.69 -6.56
CA PRO A 116 3.10 5.72 -5.20
C PRO A 116 1.58 5.80 -5.10
N ASN A 117 0.86 5.77 -6.21
CA ASN A 117 -0.60 5.85 -6.16
C ASN A 117 -1.16 4.60 -5.49
N PRO A 118 -1.92 4.72 -4.41
CA PRO A 118 -2.51 3.51 -3.81
C PRO A 118 -3.58 2.87 -4.67
N PHE A 119 -4.20 3.60 -5.59
CA PHE A 119 -5.15 2.99 -6.50
C PHE A 119 -4.49 2.10 -7.55
N HIS A 120 -3.15 2.10 -7.66
CA HIS A 120 -2.50 1.34 -8.71
C HIS A 120 -2.25 -0.10 -8.27
N LEU A 121 -3.36 -0.76 -7.90
CA LEU A 121 -3.29 -2.10 -7.30
C LEU A 121 -2.61 -3.11 -8.20
N LEU A 122 -2.63 -2.90 -9.52
CA LEU A 122 -2.08 -3.87 -10.47
C LEU A 122 -0.74 -3.39 -11.03
N ARG A 123 -0.03 -2.54 -10.29
CA ARG A 123 1.22 -1.96 -10.76
C ARG A 123 2.19 -3.02 -11.26
N ASP A 124 2.11 -4.22 -10.72
CA ASP A 124 3.09 -5.27 -10.97
C ASP A 124 2.66 -6.31 -12.00
N CYS A 125 1.55 -6.11 -12.71
CA CYS A 125 1.04 -7.11 -13.64
C CYS A 125 1.29 -6.70 -15.09
N GLN A 126 1.66 -7.69 -15.90
CA GLN A 126 1.76 -7.54 -17.33
C GLN A 126 0.62 -8.37 -17.91
N VAL A 127 -0.45 -7.70 -18.27
CA VAL A 127 -1.71 -8.36 -18.59
C VAL A 127 -1.85 -8.41 -20.09
N TYR A 128 -2.27 -9.56 -20.61
CA TYR A 128 -2.53 -9.75 -22.02
C TYR A 128 -4.03 -9.98 -22.19
N ILE A 129 -4.68 -9.13 -22.97
CA ILE A 129 -6.12 -9.23 -23.20
C ILE A 129 -6.33 -9.89 -24.55
N SER A 130 -6.92 -11.09 -24.54
CA SER A 130 -7.13 -11.86 -25.75
C SER A 130 -8.14 -11.17 -26.64
N LYS A 131 -7.72 -10.76 -27.84
CA LYS A 131 -8.69 -10.17 -28.76
C LYS A 131 -9.64 -11.21 -29.36
N SER A 132 -9.36 -12.50 -29.24
CA SER A 132 -10.33 -13.48 -29.69
C SER A 132 -11.48 -13.64 -28.70
N SER A 133 -11.39 -13.01 -27.52
CA SER A 133 -12.36 -13.21 -26.46
C SER A 133 -13.42 -12.11 -26.39
N PHE A 134 -13.12 -10.91 -26.91
CA PHE A 134 -13.93 -9.73 -26.65
C PHE A 134 -14.06 -8.91 -27.92
N ASN A 135 -15.15 -8.17 -28.00
CA ASN A 135 -15.28 -7.23 -29.09
C ASN A 135 -14.49 -5.94 -28.79
N LYS A 136 -14.54 -5.02 -29.75
CA LYS A 136 -13.72 -3.81 -29.69
C LYS A 136 -13.98 -3.00 -28.42
N CYS A 137 -15.25 -2.72 -28.14
CA CYS A 137 -15.59 -1.79 -27.06
C CYS A 137 -15.26 -2.37 -25.70
N GLU A 138 -15.37 -3.70 -25.56
CA GLU A 138 -14.92 -4.38 -24.36
C GLU A 138 -13.42 -4.31 -24.24
N TYR A 139 -12.70 -4.69 -25.30
CA TYR A 139 -11.24 -4.61 -25.26
C TYR A 139 -10.77 -3.25 -24.78
N ILE A 140 -11.35 -2.18 -25.35
CA ILE A 140 -10.98 -0.82 -24.95
C ILE A 140 -11.24 -0.61 -23.46
N LEU A 141 -12.45 -0.90 -23.01
CA LEU A 141 -12.83 -0.64 -21.63
C LEU A 141 -11.91 -1.38 -20.65
N TYR A 142 -11.69 -2.68 -20.88
CA TYR A 142 -10.79 -3.43 -20.01
C TYR A 142 -9.37 -2.86 -20.04
N SER A 143 -8.92 -2.39 -21.21
CA SER A 143 -7.60 -1.78 -21.30
C SER A 143 -7.53 -0.50 -20.49
N ASP A 144 -8.57 0.33 -20.58
CA ASP A 144 -8.62 1.57 -19.83
C ASP A 144 -8.51 1.31 -18.34
N LEU A 145 -9.30 0.35 -17.82
CA LEU A 145 -9.34 0.17 -16.37
C LEU A 145 -8.06 -0.51 -15.88
N LEU A 146 -7.44 -1.36 -16.70
CA LEU A 146 -6.15 -1.91 -16.31
C LEU A 146 -5.11 -0.82 -16.20
N HIS A 147 -5.16 0.14 -17.12
CA HIS A 147 -4.25 1.28 -17.10
C HIS A 147 -4.53 2.18 -15.91
N LEU A 148 -5.80 2.43 -15.63
CA LEU A 148 -6.14 3.24 -14.46
C LEU A 148 -5.75 2.56 -13.16
N LEU A 149 -5.62 1.24 -13.17
CA LEU A 149 -5.17 0.48 -12.01
C LEU A 149 -3.68 0.21 -12.04
N GLY A 150 -2.95 0.84 -12.95
CA GLY A 150 -1.50 0.84 -12.89
C GLY A 150 -0.82 -0.35 -13.53
N GLY A 151 -1.54 -1.21 -14.21
CA GLY A 151 -0.93 -2.38 -14.81
C GLY A 151 -0.43 -2.10 -16.22
N THR A 152 0.26 -3.10 -16.77
CA THR A 152 0.83 -2.96 -18.11
C THR A 152 0.17 -3.91 -19.09
N LEU A 153 -0.28 -3.36 -20.21
CA LEU A 153 -0.82 -4.15 -21.31
C LEU A 153 0.29 -4.59 -22.26
N VAL A 154 0.20 -5.84 -22.72
CA VAL A 154 1.12 -6.37 -23.71
C VAL A 154 0.30 -6.98 -24.85
N ASN A 155 0.98 -7.21 -25.98
CA ASN A 155 0.31 -7.78 -27.13
C ASN A 155 0.97 -9.08 -27.59
N TYR A 156 1.65 -9.76 -26.68
CA TYR A 156 1.87 -11.20 -26.83
C TYR A 156 2.25 -11.77 -25.48
N ILE A 157 2.13 -13.08 -25.38
CA ILE A 157 2.32 -13.80 -24.12
C ILE A 157 3.78 -14.16 -24.00
N SER A 158 4.38 -13.85 -22.84
CA SER A 158 5.78 -14.10 -22.57
C SER A 158 5.92 -14.75 -21.21
N ASN A 159 7.16 -14.93 -20.77
CA ASN A 159 7.40 -15.36 -19.40
C ASN A 159 7.19 -14.23 -18.40
N ARG A 160 7.17 -12.98 -18.87
CA ARG A 160 6.86 -11.81 -18.05
C ARG A 160 5.37 -11.53 -17.94
N THR A 161 4.53 -12.23 -18.71
CA THR A 161 3.09 -12.08 -18.60
C THR A 161 2.62 -12.65 -17.28
N THR A 162 1.88 -11.86 -16.51
CA THR A 162 1.30 -12.39 -15.28
C THR A 162 -0.14 -12.87 -15.45
N HIS A 163 -0.96 -12.20 -16.27
CA HIS A 163 -2.37 -12.54 -16.37
C HIS A 163 -2.88 -12.44 -17.80
N VAL A 164 -3.78 -13.37 -18.18
CA VAL A 164 -4.41 -13.40 -19.50
C VAL A 164 -5.92 -13.34 -19.32
N ILE A 165 -6.55 -12.37 -19.95
CA ILE A 165 -7.97 -12.12 -19.78
C ILE A 165 -8.73 -12.88 -20.85
N VAL A 166 -9.62 -13.78 -20.43
CA VAL A 166 -10.49 -14.50 -21.32
C VAL A 166 -11.91 -14.29 -20.83
N GLN A 167 -12.87 -14.41 -21.76
CA GLN A 167 -14.27 -14.26 -21.42
C GLN A 167 -14.87 -15.55 -20.89
N SER A 168 -14.43 -16.68 -21.44
CA SER A 168 -15.06 -17.97 -21.20
C SER A 168 -14.10 -19.06 -21.65
N PRO A 169 -14.32 -20.30 -21.22
CA PRO A 169 -13.46 -21.39 -21.67
C PRO A 169 -13.53 -21.64 -23.16
N GLN A 170 -14.57 -21.14 -23.83
CA GLN A 170 -14.81 -21.46 -25.24
C GLN A 170 -13.79 -20.82 -26.18
N ASP A 171 -12.91 -19.98 -25.67
CA ASP A 171 -12.17 -19.13 -26.58
C ASP A 171 -10.91 -19.82 -27.11
N PRO A 172 -10.60 -19.62 -28.39
CA PRO A 172 -9.55 -20.43 -29.03
C PRO A 172 -8.14 -20.06 -28.60
N ILE A 173 -8.02 -19.19 -27.60
CA ILE A 173 -6.70 -18.88 -27.06
C ILE A 173 -6.30 -19.90 -26.01
N ILE A 174 -7.26 -20.41 -25.24
CA ILE A 174 -6.94 -21.40 -24.22
C ILE A 174 -6.54 -22.72 -24.87
N ALA A 175 -7.18 -23.05 -25.99
CA ALA A 175 -6.84 -24.28 -26.70
C ALA A 175 -5.41 -24.22 -27.23
N THR A 176 -5.09 -23.17 -27.96
CA THR A 176 -3.83 -23.11 -28.69
C THR A 176 -2.62 -22.85 -27.81
N VAL A 177 -2.78 -22.65 -26.50
CA VAL A 177 -1.64 -22.40 -25.63
C VAL A 177 -1.06 -23.72 -25.14
N SER A 178 -1.84 -24.49 -24.39
CA SER A 178 -1.37 -25.77 -23.85
C SER A 178 -2.02 -26.94 -24.56
N GLU A 200 4.95 -18.58 -15.99
CA GLU A 200 3.72 -19.22 -15.52
C GLU A 200 2.64 -18.18 -15.24
N TRP A 201 1.71 -18.06 -16.19
CA TRP A 201 0.67 -17.04 -16.20
C TRP A 201 -0.68 -17.62 -15.78
N LYS A 202 -1.63 -16.74 -15.53
CA LYS A 202 -2.96 -17.11 -15.06
C LYS A 202 -4.03 -16.65 -16.04
N PHE A 203 -4.97 -17.54 -16.37
CA PHE A 203 -6.16 -17.17 -17.11
C PHE A 203 -7.23 -16.66 -16.15
N VAL A 204 -7.76 -15.48 -16.43
CA VAL A 204 -8.73 -14.87 -15.55
C VAL A 204 -9.89 -14.29 -16.36
N TYR A 205 -11.03 -14.21 -15.74
CA TYR A 205 -12.18 -13.50 -16.23
C TYR A 205 -11.99 -12.00 -16.01
N PRO A 206 -12.64 -11.16 -16.81
CA PRO A 206 -12.43 -9.71 -16.66
C PRO A 206 -12.83 -9.17 -15.29
N ILE A 207 -13.62 -9.90 -14.50
CA ILE A 207 -13.98 -9.41 -13.17
C ILE A 207 -12.75 -9.28 -12.27
N TRP A 208 -11.69 -10.03 -12.55
CA TRP A 208 -10.44 -9.80 -11.84
C TRP A 208 -9.99 -8.34 -11.96
N ILE A 209 -10.12 -7.76 -13.17
CA ILE A 209 -9.86 -6.32 -13.30
C ILE A 209 -10.93 -5.53 -12.59
N LEU A 210 -12.20 -5.82 -12.92
CA LEU A 210 -13.32 -5.00 -12.48
C LEU A 210 -13.37 -4.91 -10.98
N TYR A 211 -13.08 -6.02 -10.30
CA TYR A 211 -13.13 -6.03 -8.83
C TYR A 211 -12.17 -5.02 -8.24
N HIS A 212 -10.88 -5.08 -8.63
CA HIS A 212 -9.92 -4.12 -8.12
C HIS A 212 -10.38 -2.68 -8.38
N PHE A 213 -10.97 -2.43 -9.54
CA PHE A 213 -11.41 -1.07 -9.86
C PHE A 213 -12.55 -0.65 -8.94
N LYS A 214 -13.53 -1.53 -8.73
CA LYS A 214 -14.75 -1.16 -8.04
C LYS A 214 -14.54 -1.08 -6.52
N MET A 215 -13.77 -2.04 -5.97
CA MET A 215 -13.53 -2.12 -4.53
C MET A 215 -12.24 -1.41 -4.08
N ALA A 216 -11.32 -1.12 -5.00
CA ALA A 216 -10.04 -0.46 -4.68
C ALA A 216 -9.25 -1.20 -3.60
N LYS A 217 -9.21 -2.52 -3.70
CA LYS A 217 -8.41 -3.32 -2.78
C LYS A 217 -8.01 -4.60 -3.52
N PRO A 218 -6.98 -5.29 -3.02
CA PRO A 218 -6.58 -6.55 -3.68
C PRO A 218 -7.69 -7.57 -3.65
N LEU A 219 -7.53 -8.58 -4.49
CA LEU A 219 -8.51 -9.64 -4.71
C LEU A 219 -8.04 -10.87 -3.96
N LYS A 220 -8.76 -11.25 -2.90
CA LYS A 220 -8.36 -12.41 -2.09
C LYS A 220 -9.57 -13.28 -1.75
N GLY A 221 -9.27 -14.53 -1.39
CA GLY A 221 -10.28 -15.43 -0.87
C GLY A 221 -10.93 -16.31 -1.90
N GLU A 222 -12.22 -16.62 -1.71
CA GLU A 222 -12.96 -17.31 -2.75
C GLU A 222 -13.14 -16.42 -3.97
N LEU A 223 -13.40 -15.13 -3.73
CA LEU A 223 -13.57 -14.19 -4.84
C LEU A 223 -12.37 -14.19 -5.77
N ALA A 224 -11.18 -14.38 -5.22
CA ALA A 224 -10.00 -14.55 -6.07
C ALA A 224 -10.14 -15.77 -6.96
N THR A 225 -10.61 -16.89 -6.40
CA THR A 225 -10.80 -18.10 -7.20
C THR A 225 -12.03 -18.01 -8.11
N LEU A 226 -13.03 -17.22 -7.73
CA LEU A 226 -14.17 -17.02 -8.62
C LEU A 226 -13.75 -16.34 -9.93
N CYS A 227 -12.63 -15.63 -9.95
CA CYS A 227 -12.23 -14.90 -11.16
C CYS A 227 -11.33 -15.70 -12.09
N GLU A 228 -10.89 -16.88 -11.68
CA GLU A 228 -9.99 -17.63 -12.53
C GLU A 228 -10.77 -18.54 -13.47
N LEU A 229 -10.19 -18.77 -14.64
CA LEU A 229 -10.85 -19.55 -15.67
C LEU A 229 -11.21 -20.94 -15.14
N ASP A 230 -12.47 -21.31 -15.30
CA ASP A 230 -12.96 -22.62 -14.89
C ASP A 230 -13.51 -23.33 -16.12
N MET A 231 -12.86 -24.45 -16.50
CA MET A 231 -13.27 -25.14 -17.72
C MET A 231 -14.66 -25.74 -17.62
N GLN A 232 -15.21 -25.86 -16.42
CA GLN A 232 -16.57 -26.29 -16.21
C GLN A 232 -17.59 -25.17 -16.45
N ASP A 233 -17.14 -24.01 -16.93
CA ASP A 233 -18.03 -22.91 -17.27
C ASP A 233 -18.35 -22.99 -18.77
N THR A 234 -19.07 -24.05 -19.12
CA THR A 234 -19.39 -24.31 -20.53
C THR A 234 -20.56 -23.48 -21.05
N SER A 235 -21.39 -22.93 -20.16
CA SER A 235 -22.59 -22.23 -20.55
C SER A 235 -22.41 -20.72 -20.44
N GLU A 236 -23.53 -20.00 -20.33
CA GLU A 236 -23.58 -18.57 -20.12
C GLU A 236 -24.16 -18.19 -18.76
N GLU A 237 -25.03 -19.02 -18.22
CA GLU A 237 -25.69 -18.73 -16.95
C GLU A 237 -24.70 -18.78 -15.78
N GLN A 238 -23.70 -19.67 -15.87
CA GLN A 238 -22.70 -19.71 -14.82
C GLN A 238 -21.85 -18.45 -14.84
N LEU A 239 -21.36 -18.08 -16.02
CA LEU A 239 -20.62 -16.83 -16.18
C LEU A 239 -21.35 -15.68 -15.52
N PHE A 240 -22.61 -15.46 -15.88
CA PHE A 240 -23.41 -14.44 -15.21
C PHE A 240 -23.33 -14.56 -13.71
N ALA A 241 -23.45 -15.80 -13.21
CA ALA A 241 -23.49 -16.02 -11.78
C ALA A 241 -22.19 -15.61 -11.10
N LYS A 242 -21.04 -15.94 -11.72
CA LYS A 242 -19.76 -15.56 -11.13
C LYS A 242 -19.56 -14.06 -11.17
N TRP A 243 -20.03 -13.39 -12.23
CA TRP A 243 -19.95 -11.94 -12.28
C TRP A 243 -20.79 -11.31 -11.18
N GLU A 244 -21.97 -11.87 -10.91
CA GLU A 244 -22.87 -11.21 -9.97
C GLU A 244 -22.38 -11.32 -8.54
N GLU A 245 -21.71 -12.43 -8.22
CA GLU A 245 -21.19 -12.55 -6.87
C GLU A 245 -19.96 -11.67 -6.67
N VAL A 246 -19.09 -11.59 -7.69
CA VAL A 246 -17.82 -10.88 -7.53
C VAL A 246 -18.04 -9.36 -7.50
N ILE A 247 -18.91 -8.84 -8.36
CA ILE A 247 -19.11 -7.39 -8.44
C ILE A 247 -20.57 -6.97 -8.30
N GLY A 248 -21.50 -7.89 -8.10
CA GLY A 248 -22.88 -7.49 -7.96
C GLY A 248 -23.18 -6.84 -6.63
N ASP A 249 -22.65 -7.41 -5.54
CA ASP A 249 -22.82 -6.90 -4.18
C ASP A 249 -21.83 -7.58 -3.22
N SER A 253 -19.58 -1.02 -0.97
CA SER A 253 -18.88 -1.23 0.30
C SER A 253 -17.37 -1.29 0.11
N SER A 254 -16.84 -0.34 -0.67
CA SER A 254 -15.47 -0.43 -1.13
C SER A 254 -14.48 -0.02 -0.06
N SER A 255 -13.22 -0.40 -0.27
CA SER A 255 -12.09 0.05 0.52
C SER A 255 -11.44 1.25 -0.15
N GLN A 256 -10.71 2.03 0.64
CA GLN A 256 -10.08 3.26 0.18
C GLN A 256 -11.13 4.21 -0.39
N LEU A 257 -12.25 4.31 0.33
CA LEU A 257 -13.30 5.28 0.05
C LEU A 257 -12.74 6.66 -0.26
N THR A 258 -11.74 7.04 0.52
CA THR A 258 -11.07 8.33 0.45
C THR A 258 -10.43 8.63 -0.89
N LEU A 259 -10.28 7.64 -1.77
CA LEU A 259 -9.37 7.79 -2.89
C LEU A 259 -9.99 8.63 -4.00
N HIS A 260 -11.23 8.32 -4.40
CA HIS A 260 -11.97 9.09 -5.39
C HIS A 260 -13.19 9.71 -4.74
N PRO A 261 -13.02 10.81 -3.99
CA PRO A 261 -14.07 11.31 -3.09
C PRO A 261 -15.18 12.17 -3.70
N ASN A 262 -15.20 12.46 -5.01
CA ASN A 262 -16.30 13.24 -5.61
C ASN A 262 -17.42 12.28 -5.96
N LYS A 263 -18.24 11.96 -4.96
CA LYS A 263 -19.33 11.02 -5.20
C LYS A 263 -20.47 11.61 -6.03
N THR A 264 -20.40 12.91 -6.34
CA THR A 264 -21.38 13.57 -7.17
C THR A 264 -20.84 13.96 -8.55
N LEU A 265 -19.72 13.35 -8.98
CA LEU A 265 -19.05 13.65 -10.24
C LEU A 265 -20.03 13.89 -11.38
N PHE A 266 -21.06 13.06 -11.49
CA PHE A 266 -21.95 13.11 -12.64
C PHE A 266 -23.33 13.66 -12.30
N LYS A 267 -23.44 14.47 -11.25
CA LYS A 267 -24.74 14.99 -10.82
C LYS A 267 -25.36 15.88 -11.88
N ASN A 268 -26.67 15.69 -12.11
CA ASN A 268 -27.46 16.37 -13.14
C ASN A 268 -27.08 15.98 -14.57
N HIS A 269 -26.21 15.00 -14.75
CA HIS A 269 -25.95 14.49 -16.10
C HIS A 269 -26.65 13.19 -16.33
N HIS A 270 -27.07 13.02 -17.57
CA HIS A 270 -27.82 11.87 -18.01
C HIS A 270 -27.19 11.42 -19.33
N PHE A 271 -26.66 10.20 -19.34
CA PHE A 271 -25.91 9.66 -20.48
C PHE A 271 -26.83 8.79 -21.32
N ALA A 272 -26.78 8.98 -22.62
CA ALA A 272 -27.42 8.06 -23.56
C ALA A 272 -26.35 7.09 -24.07
N ILE A 273 -26.60 5.79 -23.96
CA ILE A 273 -25.61 4.78 -24.34
C ILE A 273 -25.95 4.22 -25.72
N SER A 274 -25.03 4.36 -26.65
CA SER A 274 -25.21 3.81 -27.99
C SER A 274 -25.27 2.29 -27.97
N PRO A 275 -26.06 1.68 -28.86
CA PRO A 275 -25.94 0.22 -29.06
C PRO A 275 -24.62 -0.22 -29.69
N ASP A 276 -23.85 0.66 -30.35
CA ASP A 276 -22.65 0.18 -31.02
C ASP A 276 -21.57 -0.32 -30.04
N LEU A 277 -21.61 0.06 -28.76
CA LEU A 277 -21.00 -0.81 -27.76
C LEU A 277 -21.99 -1.91 -27.45
N ASN A 278 -21.68 -3.11 -27.83
CA ASN A 278 -22.51 -4.23 -27.46
C ASN A 278 -21.69 -4.94 -26.39
N PHE A 279 -21.89 -4.50 -25.16
CA PHE A 279 -21.26 -5.12 -24.01
C PHE A 279 -21.98 -6.40 -23.64
N PHE A 280 -21.21 -7.40 -23.26
CA PHE A 280 -21.66 -8.39 -22.30
C PHE A 280 -22.57 -7.73 -21.26
N THR A 281 -23.82 -8.20 -21.16
CA THR A 281 -24.81 -7.55 -20.29
C THR A 281 -24.31 -7.27 -18.88
N PRO A 282 -23.66 -8.18 -18.18
CA PRO A 282 -23.10 -7.81 -16.87
C PRO A 282 -22.07 -6.72 -16.95
N LEU A 283 -21.35 -6.61 -18.07
CA LEU A 283 -20.42 -5.48 -18.20
C LEU A 283 -21.18 -4.18 -18.40
N TYR A 284 -22.31 -4.24 -19.10
CA TYR A 284 -23.13 -3.03 -19.20
C TYR A 284 -23.66 -2.64 -17.83
N TRP A 285 -23.99 -3.65 -17.01
CA TRP A 285 -24.44 -3.38 -15.64
C TRP A 285 -23.38 -2.64 -14.86
N PHE A 286 -22.16 -3.16 -14.91
CA PHE A 286 -21.03 -2.51 -14.30
C PHE A 286 -20.95 -1.04 -14.73
N LEU A 287 -20.95 -0.78 -16.05
CA LEU A 287 -20.81 0.60 -16.55
C LEU A 287 -22.00 1.46 -16.13
N LYS A 288 -23.18 0.86 -16.03
CA LYS A 288 -24.36 1.59 -15.58
C LYS A 288 -24.26 1.93 -14.11
N GLY A 289 -23.79 0.98 -13.29
CA GLY A 289 -23.61 1.25 -11.88
C GLY A 289 -22.45 2.16 -11.59
N PHE A 290 -21.41 2.14 -12.43
CA PHE A 290 -20.34 3.11 -12.27
C PHE A 290 -20.86 4.54 -12.40
N ILE A 291 -21.64 4.80 -13.45
CA ILE A 291 -22.23 6.12 -13.63
C ILE A 291 -23.17 6.44 -12.48
N GLU A 292 -24.09 5.52 -12.18
CA GLU A 292 -25.11 5.78 -11.16
C GLU A 292 -24.50 5.97 -9.78
N ASP A 293 -23.45 5.21 -9.44
CA ASP A 293 -22.84 5.42 -8.14
C ASP A 293 -22.19 6.79 -8.03
N LEU A 294 -21.91 7.44 -9.16
CA LEU A 294 -21.40 8.80 -9.17
C LEU A 294 -22.50 9.81 -9.45
N ASP A 295 -23.76 9.41 -9.26
CA ASP A 295 -24.93 10.27 -9.22
C ASP A 295 -25.44 10.69 -10.60
N GLY A 296 -25.01 10.02 -11.65
CA GLY A 296 -25.55 10.26 -12.98
C GLY A 296 -26.65 9.27 -13.37
N LYS A 297 -27.28 9.57 -14.50
CA LYS A 297 -28.34 8.74 -15.02
C LYS A 297 -27.95 8.19 -16.39
N VAL A 298 -28.60 7.09 -16.76
CA VAL A 298 -28.21 6.26 -17.90
C VAL A 298 -29.48 5.85 -18.63
N THR A 299 -29.55 6.15 -19.91
CA THR A 299 -30.58 5.58 -20.77
C THR A 299 -29.88 4.79 -21.86
N PRO A 300 -30.10 3.48 -21.99
CA PRO A 300 -29.50 2.73 -23.10
C PRO A 300 -30.34 2.93 -24.36
N LEU A 301 -29.68 3.15 -25.48
CA LEU A 301 -30.33 3.28 -26.77
C LEU A 301 -30.39 1.92 -27.45
N SER A 302 -31.42 1.73 -28.26
CA SER A 302 -31.55 0.53 -29.07
C SER A 302 -31.62 0.93 -30.52
N PHE A 303 -31.15 0.04 -31.41
CA PHE A 303 -31.21 0.32 -32.84
C PHE A 303 -32.63 0.64 -33.29
N SER A 304 -33.62 -0.03 -32.70
CA SER A 304 -35.03 0.14 -33.05
C SER A 304 -35.74 1.19 -32.22
N ASP A 305 -35.02 2.03 -31.48
CA ASP A 305 -35.63 3.19 -30.85
C ASP A 305 -35.98 4.24 -31.91
N ASP A 306 -37.00 5.04 -31.61
CA ASP A 306 -37.27 6.30 -32.29
C ASP A 306 -36.64 7.42 -31.47
N LEU A 307 -35.61 8.07 -32.03
CA LEU A 307 -34.73 8.91 -31.22
C LEU A 307 -35.33 10.27 -30.89
N LYS A 308 -36.09 10.87 -31.81
CA LYS A 308 -36.79 12.13 -31.49
C LYS A 308 -37.59 11.98 -30.21
N SER A 309 -38.21 10.80 -30.03
CA SER A 309 -39.06 10.60 -28.86
C SER A 309 -38.24 10.33 -27.60
N VAL A 310 -37.09 9.65 -27.72
CA VAL A 310 -36.32 9.30 -26.54
C VAL A 310 -35.77 10.56 -25.87
N TYR A 311 -35.33 11.54 -26.65
CA TYR A 311 -34.80 12.79 -26.12
C TYR A 311 -35.90 13.79 -25.76
N GLN A 312 -37.14 13.56 -26.20
CA GLN A 312 -38.26 14.35 -25.67
C GLN A 312 -38.81 13.75 -24.40
N ALA A 313 -38.80 12.42 -24.26
CA ALA A 313 -39.20 11.78 -23.02
C ALA A 313 -38.24 12.13 -21.89
N PHE A 314 -36.92 12.07 -22.15
CA PHE A 314 -35.90 12.34 -21.15
C PHE A 314 -35.15 13.61 -21.54
N PRO A 315 -35.69 14.79 -21.24
CA PRO A 315 -35.05 16.03 -21.70
C PRO A 315 -33.74 16.38 -20.99
N ASP A 316 -33.47 15.83 -19.82
CA ASP A 316 -32.22 16.08 -19.11
C ASP A 316 -31.01 15.41 -19.76
N ILE A 317 -31.23 14.44 -20.66
CA ILE A 317 -30.13 13.77 -21.38
C ILE A 317 -29.28 14.83 -22.05
N ASP A 318 -28.04 14.97 -21.58
CA ASP A 318 -27.06 15.92 -22.12
C ASP A 318 -25.77 15.26 -22.64
N CYS A 319 -25.63 13.94 -22.56
CA CYS A 319 -24.41 13.27 -22.99
C CYS A 319 -24.74 12.04 -23.81
N TYR A 320 -23.90 11.77 -24.81
CA TYR A 320 -23.96 10.53 -25.59
C TYR A 320 -22.63 9.79 -25.42
N ILE A 321 -22.73 8.49 -25.18
CA ILE A 321 -21.61 7.56 -25.08
C ILE A 321 -21.71 6.59 -26.24
N GLY A 322 -20.74 6.62 -27.15
CA GLY A 322 -20.75 5.74 -28.31
C GLY A 322 -19.37 5.18 -28.60
N HIS A 323 -19.33 4.11 -29.37
CA HIS A 323 -18.02 3.60 -29.78
C HIS A 323 -17.45 4.32 -30.99
N SER A 324 -18.27 4.66 -31.99
CA SER A 324 -17.78 5.02 -33.31
C SER A 324 -18.34 6.37 -33.79
N ALA A 325 -17.46 7.16 -34.41
CA ALA A 325 -17.77 8.53 -34.80
C ALA A 325 -18.79 8.62 -35.92
N ASN A 326 -18.89 7.56 -36.73
CA ASN A 326 -19.67 7.52 -37.96
C ASN A 326 -20.98 6.77 -37.78
N SER A 327 -21.30 6.39 -36.56
CA SER A 327 -22.57 5.74 -36.29
C SER A 327 -23.75 6.57 -36.77
N PRO A 328 -24.78 5.92 -37.36
CA PRO A 328 -26.02 6.64 -37.71
C PRO A 328 -26.81 7.13 -36.50
N ILE A 329 -26.76 6.39 -35.38
CA ILE A 329 -27.42 6.81 -34.13
C ILE A 329 -26.85 8.12 -33.64
N LEU A 330 -25.53 8.28 -33.72
CA LEU A 330 -24.91 9.54 -33.29
C LEU A 330 -25.25 10.65 -34.27
N GLU A 331 -25.38 10.32 -35.55
CA GLU A 331 -25.69 11.35 -36.55
C GLU A 331 -27.05 11.98 -36.27
N LYS A 332 -28.09 11.15 -36.11
CA LYS A 332 -29.41 11.70 -35.81
C LYS A 332 -29.42 12.41 -34.47
N THR A 333 -28.66 11.89 -33.50
CA THR A 333 -28.65 12.49 -32.17
C THR A 333 -28.05 13.89 -32.20
N LYS A 334 -26.94 14.08 -32.94
CA LYS A 334 -26.34 15.40 -33.02
C LYS A 334 -27.28 16.42 -33.66
N SER A 335 -28.18 16.00 -34.55
CA SER A 335 -29.10 16.96 -35.15
C SER A 335 -30.24 17.32 -34.19
N ILE A 336 -30.76 16.33 -33.45
CA ILE A 336 -31.81 16.60 -32.47
C ILE A 336 -31.27 17.43 -31.31
N LYS A 337 -30.15 16.99 -30.72
CA LYS A 337 -29.52 17.60 -29.56
C LYS A 337 -28.17 18.20 -29.97
N PRO A 338 -28.16 19.44 -30.49
CA PRO A 338 -26.93 19.95 -31.11
C PRO A 338 -25.82 20.31 -30.13
N GLU A 339 -26.12 20.54 -28.85
CA GLU A 339 -25.08 20.85 -27.87
C GLU A 339 -24.71 19.64 -26.99
N ILE A 340 -25.15 18.44 -27.36
CA ILE A 340 -24.90 17.24 -26.56
C ILE A 340 -23.41 16.92 -26.51
N HIS A 341 -22.93 16.53 -25.33
CA HIS A 341 -21.56 16.08 -25.14
C HIS A 341 -21.37 14.70 -25.75
N VAL A 342 -20.43 14.58 -26.67
CA VAL A 342 -20.22 13.36 -27.44
C VAL A 342 -18.93 12.71 -26.98
N GLY A 343 -19.04 11.56 -26.32
CA GLY A 343 -17.89 10.92 -25.73
C GLY A 343 -17.93 9.44 -25.93
N ASN A 344 -16.81 8.81 -25.62
CA ASN A 344 -16.71 7.35 -25.60
C ASN A 344 -16.56 6.92 -24.14
N VAL A 345 -16.45 5.62 -23.95
CA VAL A 345 -16.37 5.08 -22.60
C VAL A 345 -15.08 5.55 -21.91
N SER A 346 -14.00 5.71 -22.69
CA SER A 346 -12.73 6.21 -22.18
C SER A 346 -12.87 7.56 -21.52
N TRP A 347 -13.74 8.41 -22.07
CA TRP A 347 -13.97 9.75 -21.51
C TRP A 347 -14.60 9.71 -20.12
N LEU A 348 -15.49 8.76 -19.87
CA LEU A 348 -16.04 8.57 -18.52
C LEU A 348 -14.94 8.38 -17.49
N PHE A 349 -14.02 7.44 -17.75
CA PHE A 349 -12.98 7.13 -16.78
C PHE A 349 -11.92 8.20 -16.68
N TYR A 350 -11.75 9.00 -17.71
CA TYR A 350 -10.87 10.17 -17.63
C TYR A 350 -11.47 11.23 -16.70
N MET A 351 -12.77 11.51 -16.86
CA MET A 351 -13.45 12.40 -15.91
C MET A 351 -13.30 11.86 -14.49
N PHE A 352 -13.36 10.55 -14.31
CA PHE A 352 -13.22 9.96 -12.99
C PHE A 352 -11.80 10.16 -12.45
N ALA A 353 -10.80 9.90 -13.29
CA ALA A 353 -9.41 10.13 -12.90
C ALA A 353 -9.20 11.59 -12.49
N LEU A 354 -9.66 12.52 -13.30
CA LEU A 354 -9.49 13.95 -12.99
C LEU A 354 -10.39 14.40 -11.85
N GLN A 355 -11.46 13.65 -11.57
CA GLN A 355 -12.44 14.00 -10.54
C GLN A 355 -13.17 15.30 -10.88
N LYS A 356 -13.36 15.55 -12.17
CA LYS A 356 -14.12 16.70 -12.63
C LYS A 356 -14.83 16.37 -13.93
N PHE A 357 -16.09 16.77 -14.05
CA PHE A 357 -16.76 16.68 -15.34
C PHE A 357 -16.09 17.65 -16.33
N THR A 358 -15.75 17.14 -17.51
CA THR A 358 -14.91 17.90 -18.44
C THR A 358 -15.40 17.66 -19.87
N PRO A 359 -15.77 18.73 -20.58
CA PRO A 359 -16.28 18.54 -21.93
C PRO A 359 -15.23 17.80 -22.76
N VAL A 360 -15.70 17.00 -23.72
CA VAL A 360 -14.77 16.20 -24.50
C VAL A 360 -13.72 17.10 -25.16
N SER A 361 -14.13 18.29 -25.58
CA SER A 361 -13.23 19.20 -26.27
C SER A 361 -12.06 19.66 -25.40
N GLN A 362 -12.14 19.51 -24.09
CA GLN A 362 -10.99 19.78 -23.24
C GLN A 362 -10.27 18.51 -22.82
N CYS A 363 -10.73 17.35 -23.28
CA CYS A 363 -10.01 16.11 -23.03
C CYS A 363 -9.11 15.82 -24.23
N LYS A 364 -8.75 14.56 -24.43
CA LYS A 364 -7.77 14.16 -25.41
C LYS A 364 -8.45 13.55 -26.63
N LEU A 365 -7.66 13.49 -27.73
CA LEU A 365 -8.12 12.84 -28.96
C LEU A 365 -8.71 11.45 -28.72
N ILE A 366 -8.09 10.66 -27.85
CA ILE A 366 -8.58 9.31 -27.61
C ILE A 366 -9.92 9.28 -26.88
N HIS A 367 -10.44 10.42 -26.44
CA HIS A 367 -11.72 10.41 -25.74
C HIS A 367 -12.91 10.74 -26.64
N GLN A 368 -12.72 10.92 -27.93
CA GLN A 368 -13.90 11.09 -28.78
C GLN A 368 -14.28 9.76 -29.40
N PRO A 369 -15.52 9.64 -29.88
CA PRO A 369 -15.89 8.43 -30.62
C PRO A 369 -14.92 8.21 -31.78
N PHE A 370 -14.56 6.96 -31.97
CA PHE A 370 -13.38 6.62 -32.77
C PHE A 370 -13.62 6.87 -34.24
N HIS A 371 -12.64 7.49 -34.87
CA HIS A 371 -12.64 7.63 -36.32
C HIS A 371 -12.64 6.24 -36.93
N ALA A 372 -13.18 6.14 -38.16
CA ALA A 372 -12.88 5.01 -39.02
C ALA A 372 -11.36 4.77 -39.10
N LYS A 373 -10.98 3.51 -39.26
CA LYS A 373 -9.57 3.16 -39.23
C LYS A 373 -8.86 3.73 -40.46
N LEU A 374 -7.83 4.51 -40.22
CA LEU A 374 -7.18 5.28 -41.27
C LEU A 374 -6.20 4.44 -42.07
N PHE A 375 -5.41 3.64 -41.36
CA PHE A 375 -4.30 2.88 -41.89
C PHE A 375 -4.59 1.40 -41.78
N THR A 376 -3.82 0.60 -42.50
CA THR A 376 -3.80 -0.84 -42.30
C THR A 376 -2.53 -1.23 -41.55
N SER A 377 -2.52 -2.48 -41.07
CA SER A 377 -1.32 -3.05 -40.44
C SER A 377 -0.09 -2.87 -41.32
N LYS A 378 -0.18 -3.24 -42.60
CA LYS A 378 0.97 -3.14 -43.50
C LYS A 378 1.49 -1.71 -43.59
N GLU A 379 0.60 -0.71 -43.64
CA GLU A 379 1.11 0.66 -43.75
C GLU A 379 1.63 1.20 -42.42
N LEU A 380 1.20 0.60 -41.29
CA LEU A 380 1.40 1.15 -39.94
C LEU A 380 1.70 0.00 -38.97
N THR A 381 2.96 -0.44 -38.94
CA THR A 381 3.45 -1.40 -37.95
C THR A 381 4.70 -0.80 -37.33
N VAL A 382 4.59 -0.29 -36.10
CA VAL A 382 5.49 0.75 -35.64
C VAL A 382 6.11 0.35 -34.30
N ALA A 383 7.36 0.76 -34.11
CA ALA A 383 8.05 0.66 -32.83
C ALA A 383 8.21 2.06 -32.25
N TYR A 384 8.54 2.12 -30.96
CA TYR A 384 8.66 3.39 -30.29
C TYR A 384 9.77 3.30 -29.25
N THR A 385 10.28 4.46 -28.82
CA THR A 385 11.39 4.50 -27.88
C THR A 385 11.35 5.75 -27.02
N ASN A 386 11.72 5.59 -25.74
CA ASN A 386 11.77 6.64 -24.72
C ASN A 386 10.39 7.08 -24.26
N TYR A 387 9.36 6.30 -24.56
CA TYR A 387 8.00 6.60 -24.12
C TYR A 387 7.74 5.81 -22.85
N PHE A 388 7.53 6.51 -21.74
CA PHE A 388 7.39 5.78 -20.50
C PHE A 388 6.07 6.02 -19.79
N GLY A 389 5.64 4.96 -19.10
CA GLY A 389 4.45 4.96 -18.29
C GLY A 389 3.21 5.21 -19.12
N SER A 390 2.44 6.24 -18.73
CA SER A 390 1.20 6.55 -19.42
C SER A 390 1.42 6.96 -20.86
N GLN A 391 2.61 7.44 -21.20
CA GLN A 391 2.92 7.78 -22.59
C GLN A 391 2.92 6.54 -23.46
N ARG A 392 3.40 5.44 -22.90
CA ARG A 392 3.48 4.19 -23.62
C ARG A 392 2.09 3.67 -23.92
N PHE A 393 1.23 3.63 -22.90
CA PHE A 393 -0.19 3.34 -23.10
C PHE A 393 -0.81 4.28 -24.14
N TYR A 394 -0.49 5.57 -24.08
CA TYR A 394 -1.12 6.51 -25.01
C TYR A 394 -0.69 6.27 -26.45
N ILE A 395 0.60 6.02 -26.68
CA ILE A 395 1.02 5.80 -28.07
C ILE A 395 0.41 4.51 -28.60
N GLN A 396 0.16 3.53 -27.73
CA GLN A 396 -0.40 2.28 -28.23
C GLN A 396 -1.88 2.44 -28.57
N ARG A 397 -2.61 3.18 -27.73
CA ARG A 397 -4.02 3.49 -28.01
C ARG A 397 -4.15 4.24 -29.33
N LEU A 398 -3.23 5.18 -29.61
CA LEU A 398 -3.27 5.97 -30.83
C LEU A 398 -3.03 5.10 -32.06
N VAL A 399 -1.96 4.33 -32.06
CA VAL A 399 -1.71 3.38 -33.13
C VAL A 399 -2.95 2.50 -33.36
N GLU A 400 -3.48 1.91 -32.27
CA GLU A 400 -4.70 1.09 -32.36
C GLU A 400 -5.80 1.78 -33.15
N ILE A 401 -6.21 2.98 -32.72
CA ILE A 401 -7.35 3.61 -33.37
C ILE A 401 -7.02 4.23 -34.72
N LEU A 402 -5.74 4.41 -35.01
CA LEU A 402 -5.31 4.70 -36.37
C LEU A 402 -5.38 3.46 -37.26
N GLY A 403 -5.57 2.28 -36.70
CA GLY A 403 -5.74 1.06 -37.47
C GLY A 403 -4.46 0.31 -37.81
N GLY A 404 -3.36 0.61 -37.13
CA GLY A 404 -2.11 -0.12 -37.29
C GLY A 404 -1.74 -0.93 -36.06
N LEU A 405 -0.47 -1.34 -36.03
CA LEU A 405 0.04 -2.22 -34.98
C LEU A 405 1.28 -1.61 -34.34
N SER A 406 1.49 -1.91 -33.05
CA SER A 406 2.72 -1.50 -32.37
C SER A 406 3.41 -2.73 -31.80
N THR A 407 4.70 -2.58 -31.53
CA THR A 407 5.56 -3.67 -31.06
C THR A 407 6.51 -3.19 -29.96
N PRO A 408 6.78 -4.03 -28.96
CA PRO A 408 7.75 -3.62 -27.93
C PRO A 408 9.18 -3.58 -28.42
N GLU A 409 9.52 -4.35 -29.46
CA GLU A 409 10.88 -4.44 -29.97
C GLU A 409 10.94 -4.03 -31.44
N LEU A 410 12.03 -3.35 -31.80
CA LEU A 410 12.21 -2.84 -33.16
C LEU A 410 12.81 -3.94 -34.04
N THR A 411 12.02 -4.43 -34.99
CA THR A 411 12.53 -5.39 -35.96
C THR A 411 12.43 -4.79 -37.36
N ARG A 412 12.56 -5.64 -38.38
CA ARG A 412 12.40 -5.20 -39.75
C ARG A 412 10.95 -5.20 -40.21
N LYS A 413 10.09 -6.03 -39.59
CA LYS A 413 8.65 -5.94 -39.83
C LYS A 413 8.16 -4.51 -39.71
N ASN A 414 8.75 -3.75 -38.77
CA ASN A 414 8.29 -2.40 -38.48
C ASN A 414 8.32 -1.52 -39.73
N THR A 415 7.28 -0.67 -39.87
CA THR A 415 7.23 0.29 -40.97
C THR A 415 7.66 1.68 -40.56
N HIS A 416 7.60 1.98 -39.27
CA HIS A 416 7.95 3.28 -38.73
C HIS A 416 8.64 3.04 -37.39
N LEU A 417 9.55 3.95 -37.03
CA LEU A 417 9.98 4.11 -35.66
C LEU A 417 9.51 5.48 -35.20
N ILE A 418 8.87 5.54 -34.04
CA ILE A 418 8.39 6.79 -33.48
C ILE A 418 9.26 7.18 -32.30
N THR A 419 9.85 8.37 -32.38
CA THR A 419 10.82 8.84 -31.41
C THR A 419 10.49 10.27 -31.00
N LYS A 420 10.90 10.61 -29.79
CA LYS A 420 10.69 11.92 -29.21
C LYS A 420 11.98 12.72 -29.13
N SER A 421 13.12 12.03 -29.17
CA SER A 421 14.45 12.59 -29.00
C SER A 421 15.37 11.78 -29.89
N THR A 422 16.68 12.05 -29.77
CA THR A 422 17.69 11.34 -30.55
C THR A 422 18.56 10.43 -29.70
N ILE A 423 18.12 10.12 -28.45
CA ILE A 423 18.89 9.33 -27.50
C ILE A 423 18.48 7.87 -27.62
N GLY A 424 19.43 6.97 -27.41
CA GLY A 424 19.17 5.56 -27.22
C GLY A 424 19.54 4.72 -28.44
N LYS A 425 19.70 3.41 -28.18
CA LYS A 425 20.13 2.46 -29.21
C LYS A 425 19.08 2.20 -30.26
N LYS A 426 17.80 2.46 -29.97
CA LYS A 426 16.75 2.17 -30.93
C LYS A 426 16.73 3.21 -32.06
N PHE A 427 16.74 4.49 -31.70
CA PHE A 427 16.86 5.54 -32.70
C PHE A 427 18.13 5.37 -33.54
N LYS A 428 19.24 4.98 -32.90
CA LYS A 428 20.48 4.77 -33.65
C LYS A 428 20.30 3.71 -34.71
N VAL A 429 19.79 2.54 -34.33
CA VAL A 429 19.65 1.45 -35.29
C VAL A 429 18.64 1.79 -36.37
N ALA A 430 17.47 2.31 -35.97
CA ALA A 430 16.43 2.59 -36.97
C ALA A 430 16.84 3.72 -37.89
N LYS A 431 17.60 4.69 -37.39
CA LYS A 431 18.08 5.77 -38.24
C LYS A 431 19.00 5.25 -39.34
N LYS A 432 19.77 4.21 -39.04
CA LYS A 432 20.63 3.61 -40.05
C LYS A 432 19.81 2.94 -41.14
N TRP A 433 18.84 2.10 -40.75
CA TRP A 433 18.06 1.37 -41.72
C TRP A 433 17.29 2.29 -42.67
N SER A 434 16.95 3.50 -42.21
CA SER A 434 16.22 4.45 -43.05
C SER A 434 17.08 5.01 -44.17
N LEU A 435 18.41 4.98 -44.03
CA LEU A 435 19.28 5.43 -45.11
C LEU A 435 19.28 4.46 -46.29
N ASP A 436 18.83 3.22 -46.08
CA ASP A 436 18.84 2.23 -47.14
C ASP A 436 17.59 2.39 -48.02
N PRO A 437 17.74 2.39 -49.35
CA PRO A 437 16.55 2.51 -50.20
C PRO A 437 15.64 1.28 -50.18
N GLN A 438 16.16 0.12 -49.80
CA GLN A 438 15.38 -1.11 -49.85
C GLN A 438 14.42 -1.22 -48.68
N ASN A 439 14.93 -1.11 -47.45
CA ASN A 439 14.10 -1.21 -46.25
C ASN A 439 12.97 -0.19 -46.28
N ALA A 440 13.34 1.10 -46.34
CA ALA A 440 12.41 2.22 -46.42
C ALA A 440 11.63 2.43 -45.12
N ILE A 441 12.21 2.03 -43.98
CA ILE A 441 11.58 2.32 -42.70
C ILE A 441 11.69 3.82 -42.42
N ILE A 442 10.69 4.38 -41.76
CA ILE A 442 10.59 5.83 -41.57
C ILE A 442 10.68 6.14 -40.09
N VAL A 443 11.60 7.04 -39.74
CA VAL A 443 11.73 7.56 -38.40
C VAL A 443 11.00 8.90 -38.37
N THR A 444 10.17 9.09 -37.35
CA THR A 444 9.35 10.29 -37.22
C THR A 444 8.87 10.37 -35.78
N ASN A 445 8.29 11.50 -35.41
CA ASN A 445 7.91 11.73 -34.03
C ASN A 445 6.41 11.42 -33.80
N HIS A 446 6.01 11.46 -32.53
CA HIS A 446 4.64 11.07 -32.16
C HIS A 446 3.60 12.04 -32.69
N MET A 447 3.98 13.28 -32.96
CA MET A 447 3.02 14.26 -33.48
C MET A 447 2.51 13.90 -34.86
N TRP A 448 3.21 13.03 -35.58
CA TRP A 448 2.65 12.49 -36.81
C TRP A 448 1.43 11.63 -36.51
N LEU A 449 1.55 10.72 -35.55
CA LEU A 449 0.41 9.94 -35.11
C LEU A 449 -0.76 10.86 -34.80
N GLU A 450 -0.55 11.78 -33.85
CA GLU A 450 -1.63 12.63 -33.36
C GLU A 450 -2.24 13.47 -34.47
N GLN A 451 -1.42 14.01 -35.37
CA GLN A 451 -1.96 14.88 -36.41
C GLN A 451 -2.68 14.06 -37.47
N CYS A 452 -2.21 12.85 -37.76
CA CYS A 452 -2.96 11.99 -38.66
C CYS A 452 -4.36 11.77 -38.14
N TYR A 453 -4.45 11.42 -36.85
CA TYR A 453 -5.74 11.12 -36.26
C TYR A 453 -6.60 12.37 -36.18
N MET A 454 -6.02 13.48 -35.72
CA MET A 454 -6.81 14.70 -35.58
C MET A 454 -7.42 15.09 -36.91
N ASN A 455 -6.59 15.19 -37.97
CA ASN A 455 -7.06 15.53 -39.31
C ASN A 455 -7.74 14.39 -40.03
N ASN A 456 -7.64 13.16 -39.53
CA ASN A 456 -8.19 11.99 -40.20
C ASN A 456 -7.66 11.94 -41.64
N SER A 457 -6.34 11.90 -41.74
CA SER A 457 -5.68 11.91 -43.03
C SER A 457 -4.28 11.31 -42.90
N LYS A 458 -3.87 10.57 -43.93
CA LYS A 458 -2.54 9.96 -43.98
C LYS A 458 -1.53 11.07 -44.30
N LEU A 459 -0.98 11.70 -43.27
CA LEU A 459 -0.02 12.76 -43.55
C LEU A 459 1.36 12.17 -43.83
N ASN A 460 2.26 13.02 -44.29
CA ASN A 460 3.60 12.56 -44.64
C ASN A 460 4.48 12.61 -43.42
N PRO A 461 4.98 11.48 -42.94
CA PRO A 461 5.83 11.51 -41.74
C PRO A 461 7.16 12.20 -41.95
N LYS A 462 7.54 12.52 -43.20
CA LYS A 462 8.79 13.20 -43.50
C LYS A 462 8.66 14.70 -43.61
N ASP A 463 7.47 15.28 -43.39
CA ASP A 463 7.36 16.72 -43.27
C ASP A 463 8.25 17.19 -42.13
N SER A 464 8.62 18.48 -42.14
CA SER A 464 9.61 18.96 -41.19
C SER A 464 9.07 18.97 -39.76
N ARG A 465 7.78 19.22 -39.58
CA ARG A 465 7.21 19.29 -38.24
C ARG A 465 7.24 17.92 -37.56
N PHE A 466 7.31 16.83 -38.34
CA PHE A 466 7.36 15.48 -37.81
C PHE A 466 8.77 14.93 -37.77
N GLN A 467 9.77 15.74 -38.12
CA GLN A 467 11.17 15.37 -38.00
C GLN A 467 11.85 16.12 -36.86
N ASN A 468 11.11 16.96 -36.14
CA ASN A 468 11.59 17.55 -34.90
C ASN A 468 11.82 16.48 -33.84
N PHE A 469 13.08 16.15 -33.59
CA PHE A 469 13.45 15.19 -32.55
C PHE A 469 13.99 15.89 -31.30
N LYS A 470 13.54 17.12 -31.06
CA LYS A 470 13.92 17.90 -29.89
C LYS A 470 12.67 18.42 -29.19
N LEU A 471 11.69 17.53 -29.03
CA LEU A 471 10.45 17.87 -28.34
C LEU A 471 10.67 18.07 -26.84
N ASP A 472 11.69 17.43 -26.26
CA ASP A 472 11.96 17.64 -24.85
C ASP A 472 12.29 19.09 -24.52
N ASP A 473 12.50 19.94 -25.53
CA ASP A 473 12.72 21.35 -25.23
C ASP A 473 11.43 22.09 -24.90
N ASN A 474 10.27 21.47 -25.05
CA ASN A 474 9.05 22.13 -24.60
C ASN A 474 8.04 21.11 -24.09
N MET A 475 7.40 21.47 -22.97
CA MET A 475 6.43 20.58 -22.33
C MET A 475 5.14 20.47 -23.13
N GLY A 476 4.84 21.47 -23.97
CA GLY A 476 3.65 21.43 -24.80
C GLY A 476 3.70 20.40 -25.91
N TRP A 477 4.89 19.95 -26.29
CA TRP A 477 5.03 18.91 -27.28
C TRP A 477 4.92 17.51 -26.69
N ASN A 478 4.66 17.41 -25.39
CA ASN A 478 4.35 16.11 -24.79
C ASN A 478 3.21 15.45 -25.55
N ILE A 479 3.39 14.16 -25.86
CA ILE A 479 2.36 13.39 -26.54
C ILE A 479 1.06 13.41 -25.74
N GLY A 480 -0.07 13.58 -26.44
CA GLY A 480 -1.38 13.66 -25.82
C GLY A 480 -1.92 15.07 -25.68
N GLN A 481 -1.08 16.08 -25.90
CA GLN A 481 -1.49 17.47 -25.88
C GLN A 481 -2.16 17.94 -27.18
N ILE A 482 -1.92 17.29 -28.31
CA ILE A 482 -2.43 17.78 -29.60
C ILE A 482 -3.92 17.48 -29.67
N GLY A 483 -4.74 18.53 -29.58
CA GLY A 483 -6.19 18.38 -29.62
C GLY A 483 -6.90 18.86 -28.37
N MET A 484 -6.22 19.15 -27.28
CA MET A 484 -6.91 19.73 -26.14
C MET A 484 -7.18 21.20 -26.40
N ASP A 485 -8.10 21.76 -25.64
CA ASP A 485 -8.42 23.18 -25.73
C ASP A 485 -8.33 23.86 -24.37
N SER B 2 -28.11 7.19 12.46
CA SER B 2 -28.77 6.69 13.67
C SER B 2 -27.77 6.58 14.83
N THR B 3 -28.29 6.33 16.02
CA THR B 3 -27.51 6.29 17.25
C THR B 3 -27.29 4.85 17.70
N SER B 4 -26.33 4.70 18.61
CA SER B 4 -25.96 3.43 19.20
C SER B 4 -25.02 3.69 20.37
N LEU B 5 -25.02 2.79 21.35
CA LEU B 5 -24.14 2.93 22.51
C LEU B 5 -22.75 2.36 22.21
N LEU B 6 -22.33 2.42 20.94
CA LEU B 6 -21.16 1.67 20.50
C LEU B 6 -19.89 2.20 21.15
N PHE B 7 -19.60 3.48 21.00
CA PHE B 7 -18.36 4.06 21.51
C PHE B 7 -18.49 4.53 22.95
N GLU B 8 -19.30 3.86 23.78
CA GLU B 8 -19.58 4.37 25.12
C GLU B 8 -18.33 4.31 26.00
N GLN B 9 -18.06 5.42 26.71
CA GLN B 9 -16.90 5.58 27.58
C GLN B 9 -15.58 5.53 26.81
N LEU B 10 -15.62 5.90 25.52
CA LEU B 10 -14.42 5.96 24.70
C LEU B 10 -14.17 7.40 24.26
N ASN B 11 -12.92 7.82 24.38
CA ASN B 11 -12.51 9.19 24.08
C ASN B 11 -11.70 9.22 22.79
N PHE B 12 -12.06 10.15 21.90
CA PHE B 12 -11.48 10.25 20.58
C PHE B 12 -10.82 11.60 20.39
N LEU B 13 -9.64 11.59 19.76
CA LEU B 13 -8.94 12.81 19.37
C LEU B 13 -8.80 12.79 17.86
N ILE B 14 -9.42 13.77 17.20
CA ILE B 14 -9.43 13.87 15.74
C ILE B 14 -8.41 14.92 15.33
N LEU B 15 -7.31 14.46 14.72
CA LEU B 15 -6.23 15.34 14.25
C LEU B 15 -6.54 15.82 12.83
N VAL B 16 -6.51 17.13 12.64
CA VAL B 16 -6.82 17.77 11.36
C VAL B 16 -5.55 18.44 10.89
N ALA B 17 -4.99 17.96 9.78
CA ALA B 17 -3.71 18.47 9.32
C ALA B 17 -3.85 19.72 8.47
N ALA B 18 -4.91 19.81 7.69
CA ALA B 18 -5.17 20.96 6.84
C ALA B 18 -6.60 21.40 7.07
N GLU B 19 -6.88 22.65 6.71
CA GLU B 19 -8.23 23.18 6.84
C GLU B 19 -9.22 22.39 5.97
N ALA B 20 -8.80 21.96 4.78
CA ALA B 20 -9.67 21.19 3.89
C ALA B 20 -10.17 19.91 4.54
N GLU B 21 -9.50 19.41 5.57
CA GLU B 21 -9.92 18.22 6.26
C GLU B 21 -10.91 18.49 7.38
N LEU B 22 -11.48 19.70 7.44
CA LEU B 22 -12.52 20.00 8.40
C LEU B 22 -13.86 19.38 7.98
N PRO B 23 -14.25 19.43 6.70
CA PRO B 23 -15.44 18.68 6.28
C PRO B 23 -15.43 17.23 6.72
N ILE B 24 -14.29 16.54 6.66
CA ILE B 24 -14.31 15.15 7.08
C ILE B 24 -14.22 15.01 8.60
N ALA B 25 -13.50 15.91 9.28
CA ALA B 25 -13.37 15.80 10.74
C ALA B 25 -14.70 16.04 11.43
N HIS B 26 -15.45 17.05 10.98
CA HIS B 26 -16.76 17.30 11.56
C HIS B 26 -17.72 16.15 11.26
N SER B 27 -17.69 15.62 10.03
CA SER B 27 -18.53 14.49 9.69
C SER B 27 -18.13 13.25 10.48
N THR B 28 -16.83 13.05 10.71
CA THR B 28 -16.37 11.94 11.54
C THR B 28 -16.81 12.13 12.99
N ARG B 29 -16.69 13.35 13.51
CA ARG B 29 -17.06 13.61 14.90
C ARG B 29 -18.56 13.41 15.14
N LYS B 30 -19.37 13.57 14.09
CA LYS B 30 -20.81 13.40 14.23
C LYS B 30 -21.20 11.92 14.23
N LEU B 31 -20.49 11.08 13.48
CA LEU B 31 -20.60 9.64 13.69
C LEU B 31 -20.35 9.28 15.16
N LEU B 32 -19.25 9.77 15.73
CA LEU B 32 -18.80 9.33 17.05
C LEU B 32 -19.76 9.76 18.14
N MET B 33 -20.22 11.02 18.12
CA MET B 33 -21.14 11.49 19.15
C MET B 33 -22.51 10.82 19.00
N ASP B 34 -23.00 10.70 17.76
CA ASP B 34 -24.24 9.95 17.54
C ASP B 34 -24.14 8.52 18.06
N ASN B 35 -22.94 7.94 18.01
CA ASN B 35 -22.72 6.58 18.48
C ASN B 35 -21.96 6.56 19.80
N SER B 36 -22.19 7.59 20.63
CA SER B 36 -22.06 7.56 22.09
C SER B 36 -20.65 7.79 22.63
N CYS B 37 -19.79 8.49 21.90
CA CYS B 37 -18.44 8.74 22.41
C CYS B 37 -18.49 9.78 23.52
N ASN B 38 -17.60 9.63 24.50
CA ASN B 38 -17.66 10.45 25.71
C ASN B 38 -16.95 11.78 25.54
N ASN B 39 -15.87 11.83 24.75
CA ASN B 39 -15.17 13.09 24.53
C ASN B 39 -14.43 12.99 23.21
N CYS B 40 -15.02 13.54 22.15
CA CYS B 40 -14.39 13.62 20.82
C CYS B 40 -13.92 15.06 20.60
N GLN B 41 -12.64 15.29 20.85
CA GLN B 41 -12.06 16.61 20.68
C GLN B 41 -11.47 16.74 19.28
N ILE B 42 -11.71 17.89 18.64
CA ILE B 42 -11.05 18.23 17.39
C ILE B 42 -9.82 19.06 17.73
N TYR B 43 -8.68 18.69 17.14
CA TYR B 43 -7.43 19.40 17.35
C TYR B 43 -6.87 19.80 16.00
N GLU B 44 -6.57 21.10 15.84
CA GLU B 44 -6.17 21.66 14.55
C GLU B 44 -4.67 21.90 14.56
N LEU B 45 -3.92 21.02 13.88
CA LEU B 45 -2.46 21.08 13.89
C LEU B 45 -1.94 22.31 13.13
N TYR B 46 -2.57 22.64 12.00
CA TYR B 46 -2.15 23.80 11.22
C TYR B 46 -2.43 25.10 11.96
N ASN B 47 -3.39 25.10 12.86
CA ASN B 47 -3.78 26.29 13.61
C ASN B 47 -2.92 26.52 14.85
N GLU B 48 -1.82 25.79 14.99
CA GLU B 48 -0.95 25.89 16.17
C GLU B 48 0.48 25.61 15.73
N ASN B 49 1.38 26.56 16.00
CA ASN B 49 2.80 26.40 15.67
C ASN B 49 3.44 25.52 16.74
N LEU B 50 3.86 24.31 16.35
CA LEU B 50 4.45 23.35 17.28
C LEU B 50 5.98 23.33 17.18
N LYS B 51 6.60 24.38 16.66
CA LYS B 51 8.05 24.49 16.70
C LYS B 51 8.50 25.04 18.04
N ASP B 52 9.70 24.65 18.44
CA ASP B 52 10.34 25.11 19.69
C ASP B 52 9.51 24.76 20.93
N VAL B 53 8.65 23.74 20.85
CA VAL B 53 7.90 23.27 22.00
C VAL B 53 8.06 21.76 22.08
N LYS B 54 8.35 21.28 23.29
CA LYS B 54 8.63 19.86 23.56
C LYS B 54 7.30 19.12 23.68
N THR B 55 6.85 18.57 22.55
CA THR B 55 5.60 17.81 22.49
C THR B 55 5.82 16.39 22.99
N ASP B 56 6.33 16.30 24.21
CA ASP B 56 6.72 15.02 24.81
C ASP B 56 5.50 14.36 25.46
N LYS B 57 5.75 13.41 26.35
CA LYS B 57 4.69 12.67 27.02
C LYS B 57 3.97 13.54 28.06
N ASP B 58 4.72 14.39 28.78
CA ASP B 58 4.08 15.29 29.73
C ASP B 58 3.20 16.31 29.01
N TRP B 59 3.66 16.80 27.86
CA TRP B 59 2.88 17.77 27.09
C TRP B 59 1.52 17.19 26.68
N PHE B 60 1.53 16.00 26.07
CA PHE B 60 0.30 15.35 25.63
C PHE B 60 -0.67 15.14 26.79
N MET B 61 -0.16 14.63 27.92
CA MET B 61 -1.03 14.37 29.07
C MET B 61 -1.60 15.66 29.67
N ASN B 62 -0.80 16.73 29.69
CA ASN B 62 -1.32 18.01 30.16
C ASN B 62 -2.41 18.54 29.24
N LYS B 63 -2.22 18.40 27.93
CA LYS B 63 -3.13 19.01 26.96
C LYS B 63 -4.45 18.26 26.87
N PHE B 64 -4.39 16.95 26.59
CA PHE B 64 -5.58 16.15 26.33
C PHE B 64 -5.95 15.22 27.48
N GLY B 65 -5.28 15.33 28.62
CA GLY B 65 -5.56 14.47 29.74
C GLY B 65 -6.20 15.22 30.88
N PRO B 66 -6.24 14.62 32.07
CA PRO B 66 -5.65 13.31 32.38
C PRO B 66 -6.52 12.12 31.96
N GLN B 67 -7.76 12.38 31.53
CA GLN B 67 -8.60 11.32 30.98
C GLN B 67 -7.92 10.76 29.73
N THR B 68 -8.04 9.45 29.52
CA THR B 68 -7.25 8.81 28.49
C THR B 68 -7.91 8.98 27.12
N VAL B 69 -7.08 8.91 26.08
CA VAL B 69 -7.54 8.96 24.71
C VAL B 69 -7.52 7.55 24.16
N HIS B 70 -8.66 7.07 23.69
CA HIS B 70 -8.75 5.67 23.26
C HIS B 70 -8.41 5.46 21.79
N PHE B 71 -8.75 6.41 20.92
CA PHE B 71 -8.34 6.34 19.53
C PHE B 71 -7.92 7.72 19.08
N VAL B 72 -6.84 7.77 18.31
CA VAL B 72 -6.45 8.99 17.60
C VAL B 72 -6.81 8.78 16.14
N ILE B 73 -7.49 9.78 15.55
CA ILE B 73 -7.96 9.72 14.18
C ILE B 73 -7.15 10.73 13.35
N SER B 74 -6.36 10.21 12.41
CA SER B 74 -5.45 11.00 11.59
C SER B 74 -5.19 10.23 10.30
N ASN B 75 -5.14 10.93 9.17
CA ASN B 75 -4.86 10.31 7.89
C ASN B 75 -3.37 10.10 7.65
N THR B 76 -2.52 10.72 8.47
CA THR B 76 -1.07 10.61 8.41
C THR B 76 -0.54 10.39 9.82
N ILE B 77 0.68 9.88 9.92
CA ILE B 77 1.38 9.84 11.21
C ILE B 77 2.20 11.10 11.44
N ASN B 78 2.09 12.09 10.55
CA ASN B 78 2.93 13.29 10.59
C ASN B 78 2.35 14.30 11.56
N PHE B 79 2.50 13.99 12.86
CA PHE B 79 2.33 14.95 13.92
C PHE B 79 3.43 14.65 14.95
N PRO B 80 4.01 15.67 15.57
CA PRO B 80 5.26 15.47 16.32
C PRO B 80 5.10 14.71 17.64
N PHE B 81 3.88 14.30 18.00
CA PHE B 81 3.70 13.48 19.18
C PHE B 81 3.18 12.08 18.81
N TYR B 82 3.42 11.66 17.57
CA TYR B 82 3.00 10.34 17.13
C TYR B 82 3.67 9.24 17.94
N LYS B 83 4.99 9.31 18.10
CA LYS B 83 5.74 8.25 18.76
C LYS B 83 5.35 8.14 20.23
N ILE B 84 5.23 9.29 20.91
CA ILE B 84 4.65 9.34 22.25
C ILE B 84 3.33 8.58 22.29
N VAL B 85 2.49 8.81 21.28
CA VAL B 85 1.11 8.29 21.31
C VAL B 85 1.09 6.79 21.01
N TYR B 86 1.70 6.38 19.91
CA TYR B 86 1.55 5.00 19.45
C TYR B 86 2.47 4.04 20.19
N PHE B 87 3.74 4.37 20.29
CA PHE B 87 4.71 3.45 20.86
C PHE B 87 4.74 3.53 22.38
N ASP B 88 4.69 4.74 22.94
CA ASP B 88 4.73 4.90 24.39
C ASP B 88 3.36 4.63 24.99
N LEU B 89 2.43 5.57 24.84
CA LEU B 89 1.15 5.45 25.53
C LEU B 89 0.29 4.31 24.99
N LEU B 90 0.70 3.70 23.86
CA LEU B 90 0.04 2.55 23.25
C LEU B 90 -1.36 2.88 22.73
N ILE B 91 -1.58 4.11 22.29
CA ILE B 91 -2.88 4.51 21.73
C ILE B 91 -2.88 4.31 20.20
N PRO B 92 -3.85 3.56 19.67
CA PRO B 92 -3.90 3.38 18.20
C PRO B 92 -4.11 4.68 17.44
N VAL B 93 -3.61 4.71 16.21
CA VAL B 93 -3.78 5.83 15.29
C VAL B 93 -4.43 5.29 14.02
N VAL B 94 -5.62 5.79 13.70
CA VAL B 94 -6.38 5.27 12.57
C VAL B 94 -7.02 6.42 11.83
N SER B 95 -7.17 6.23 10.51
CA SER B 95 -7.88 7.19 9.68
C SER B 95 -9.38 7.10 9.96
N HIS B 96 -10.11 8.11 9.48
CA HIS B 96 -11.55 8.19 9.75
C HIS B 96 -12.30 6.99 9.20
N THR B 97 -11.72 6.26 8.24
CA THR B 97 -12.34 5.05 7.70
C THR B 97 -12.64 4.01 8.79
N TRP B 98 -11.93 4.06 9.92
CA TRP B 98 -12.21 3.12 11.01
C TRP B 98 -13.51 3.46 11.74
N VAL B 99 -13.84 4.75 11.85
CA VAL B 99 -15.08 5.14 12.50
C VAL B 99 -16.29 4.72 11.67
N GLN B 100 -16.21 4.89 10.35
CA GLN B 100 -17.35 4.54 9.49
C GLN B 100 -17.51 3.03 9.38
N ASP B 101 -16.43 2.33 9.05
CA ASP B 101 -16.52 0.90 8.84
C ASP B 101 -16.85 0.15 10.12
N SER B 102 -16.71 0.81 11.27
CA SER B 102 -17.13 0.23 12.55
C SER B 102 -18.59 0.53 12.83
N VAL B 103 -19.04 1.77 12.58
CA VAL B 103 -20.45 2.12 12.71
C VAL B 103 -21.27 1.30 11.70
N LYS B 104 -20.68 0.99 10.54
CA LYS B 104 -21.32 0.08 9.61
C LYS B 104 -21.44 -1.31 10.20
N THR B 105 -20.31 -1.94 10.52
CA THR B 105 -20.30 -3.33 10.96
C THR B 105 -20.72 -3.52 12.41
N LYS B 106 -20.92 -2.44 13.16
CA LYS B 106 -21.46 -2.48 14.52
C LYS B 106 -20.56 -3.21 15.51
N ARG B 107 -19.24 -2.97 15.42
CA ARG B 107 -18.32 -3.55 16.38
C ARG B 107 -16.98 -2.83 16.34
N HIS B 108 -16.29 -2.84 17.48
CA HIS B 108 -14.94 -2.29 17.60
C HIS B 108 -14.00 -3.04 16.66
N LEU B 109 -13.58 -2.40 15.57
CA LEU B 109 -12.81 -3.08 14.54
C LEU B 109 -11.31 -3.05 14.83
N ARG B 110 -10.62 -4.10 14.40
CA ARG B 110 -9.18 -4.20 14.59
C ARG B 110 -8.47 -3.05 13.88
N THR B 111 -7.59 -2.35 14.61
CA THR B 111 -7.08 -1.05 14.16
C THR B 111 -6.02 -1.14 13.05
N ASN B 112 -5.40 -2.30 12.83
CA ASN B 112 -4.20 -2.37 11.99
C ASN B 112 -4.46 -1.90 10.56
N MET B 113 -5.52 -2.41 9.92
CA MET B 113 -5.86 -2.02 8.55
C MET B 113 -5.78 -0.51 8.38
N TYR B 114 -6.28 0.22 9.38
CA TYR B 114 -6.60 1.64 9.26
C TYR B 114 -5.46 2.55 9.66
N SER B 115 -4.24 2.04 9.71
CA SER B 115 -3.08 2.74 10.25
C SER B 115 -2.37 3.52 9.13
N PRO B 116 -2.11 4.84 9.32
CA PRO B 116 -1.40 5.62 8.29
C PRO B 116 0.12 5.61 8.42
N ASN B 117 0.68 4.68 9.19
CA ASN B 117 2.13 4.49 9.19
C ASN B 117 2.53 3.66 7.99
N PRO B 118 3.32 4.22 7.04
CA PRO B 118 3.75 3.41 5.88
C PRO B 118 4.68 2.25 6.23
N PHE B 119 5.39 2.33 7.37
CA PHE B 119 6.23 1.22 7.80
C PHE B 119 5.43 -0.02 8.14
N HIS B 120 4.10 0.06 8.12
CA HIS B 120 3.24 -1.04 8.54
C HIS B 120 2.81 -1.87 7.32
N LEU B 121 3.80 -2.46 6.67
CA LEU B 121 3.55 -3.18 5.44
C LEU B 121 2.78 -4.47 5.68
N LEU B 122 2.90 -5.05 6.87
CA LEU B 122 2.18 -6.28 7.15
C LEU B 122 0.82 -6.02 7.76
N ARG B 123 0.24 -4.84 7.52
CA ARG B 123 -0.94 -4.37 8.25
C ARG B 123 -2.15 -5.28 8.03
N ASP B 124 -2.27 -5.86 6.84
CA ASP B 124 -3.42 -6.69 6.52
C ASP B 124 -3.19 -8.16 6.83
N CYS B 125 -1.96 -8.54 7.18
CA CYS B 125 -1.59 -9.94 7.35
C CYS B 125 -1.94 -10.44 8.75
N GLN B 126 -2.48 -11.66 8.81
CA GLN B 126 -2.71 -12.39 10.06
C GLN B 126 -1.81 -13.61 10.09
N VAL B 127 -0.93 -13.69 11.08
CA VAL B 127 0.18 -14.62 11.09
C VAL B 127 0.04 -15.58 12.26
N TYR B 128 0.52 -16.80 12.05
CA TYR B 128 0.72 -17.78 13.12
C TYR B 128 2.18 -18.25 13.10
N ILE B 129 2.77 -18.40 14.29
CA ILE B 129 4.17 -18.77 14.43
C ILE B 129 4.26 -20.10 15.17
N SER B 130 4.75 -21.14 14.49
CA SER B 130 4.85 -22.45 15.11
C SER B 130 5.92 -22.46 16.20
N LYS B 131 5.50 -22.75 17.44
CA LYS B 131 6.47 -22.81 18.53
C LYS B 131 7.34 -24.05 18.44
N SER B 132 6.81 -25.15 17.88
CA SER B 132 7.63 -26.33 17.64
C SER B 132 8.79 -26.04 16.70
N SER B 133 8.75 -24.89 16.02
CA SER B 133 9.73 -24.53 15.01
C SER B 133 10.89 -23.70 15.59
N PHE B 134 10.66 -22.98 16.69
CA PHE B 134 11.56 -21.91 17.11
C PHE B 134 11.84 -21.93 18.60
N ASN B 135 13.02 -21.42 18.97
CA ASN B 135 13.34 -21.06 20.35
C ASN B 135 12.49 -19.86 20.80
N LYS B 136 12.31 -19.75 22.12
CA LYS B 136 11.47 -18.67 22.64
C LYS B 136 11.98 -17.29 22.23
N CYS B 137 13.30 -17.08 22.28
CA CYS B 137 13.86 -15.78 21.90
C CYS B 137 13.66 -15.49 20.43
N GLU B 138 13.75 -16.51 19.57
CA GLU B 138 13.34 -16.32 18.19
C GLU B 138 11.84 -16.07 18.09
N TYR B 139 11.05 -16.76 18.90
CA TYR B 139 9.62 -16.54 18.85
C TYR B 139 9.29 -15.10 19.21
N ILE B 140 10.00 -14.53 20.17
CA ILE B 140 9.72 -13.16 20.58
C ILE B 140 10.19 -12.17 19.52
N LEU B 141 11.36 -12.41 18.92
CA LEU B 141 11.81 -11.53 17.84
C LEU B 141 10.83 -11.54 16.66
N TYR B 142 10.45 -12.73 16.20
CA TYR B 142 9.52 -12.80 15.09
C TYR B 142 8.19 -12.15 15.45
N SER B 143 7.78 -12.28 16.71
CA SER B 143 6.54 -11.65 17.16
C SER B 143 6.66 -10.13 17.19
N ASP B 144 7.74 -9.62 17.77
CA ASP B 144 7.95 -8.18 17.80
C ASP B 144 7.97 -7.60 16.39
N LEU B 145 8.93 -8.05 15.56
CA LEU B 145 9.11 -7.44 14.25
C LEU B 145 7.80 -7.41 13.46
N LEU B 146 7.05 -8.52 13.48
CA LEU B 146 5.77 -8.55 12.79
C LEU B 146 4.83 -7.48 13.33
N HIS B 147 4.74 -7.38 14.65
CA HIS B 147 3.86 -6.38 15.25
C HIS B 147 4.34 -4.97 14.98
N LEU B 148 5.67 -4.75 15.06
CA LEU B 148 6.25 -3.49 14.63
C LEU B 148 5.88 -3.16 13.19
N LEU B 149 5.55 -4.18 12.40
CA LEU B 149 5.15 -3.99 11.01
C LEU B 149 3.64 -3.96 10.82
N GLY B 150 2.85 -4.08 11.89
CA GLY B 150 1.43 -3.85 11.77
C GLY B 150 0.55 -5.07 11.55
N GLY B 151 1.12 -6.25 11.34
CA GLY B 151 0.33 -7.46 11.35
C GLY B 151 -0.13 -7.82 12.76
N THR B 152 -0.90 -8.90 12.84
CA THR B 152 -1.49 -9.35 14.09
C THR B 152 -1.24 -10.84 14.28
N LEU B 153 -0.86 -11.21 15.50
CA LEU B 153 -0.46 -12.58 15.84
C LEU B 153 -1.64 -13.35 16.42
N VAL B 154 -1.69 -14.64 16.11
CA VAL B 154 -2.74 -15.52 16.62
C VAL B 154 -2.10 -16.81 17.11
N ASN B 155 -2.80 -17.47 18.04
CA ASN B 155 -2.34 -18.72 18.64
C ASN B 155 -3.28 -19.86 18.28
N TYR B 156 -3.78 -19.83 17.05
CA TYR B 156 -4.76 -20.80 16.58
C TYR B 156 -4.79 -20.75 15.06
N ILE B 157 -5.01 -21.92 14.46
CA ILE B 157 -5.03 -22.05 13.01
C ILE B 157 -6.44 -21.77 12.53
N SER B 158 -6.62 -20.69 11.77
CA SER B 158 -7.96 -20.19 11.49
C SER B 158 -8.10 -19.80 10.02
N ASN B 159 -9.36 -19.66 9.61
CA ASN B 159 -9.69 -19.26 8.25
C ASN B 159 -9.16 -17.89 7.90
N ARG B 160 -8.86 -17.06 8.91
CA ARG B 160 -8.36 -15.71 8.69
C ARG B 160 -6.85 -15.66 8.48
N THR B 161 -6.13 -16.74 8.78
CA THR B 161 -4.68 -16.67 8.80
C THR B 161 -4.10 -16.56 7.39
N THR B 162 -3.07 -15.72 7.25
CA THR B 162 -2.45 -15.44 5.97
C THR B 162 -1.02 -15.95 5.86
N HIS B 163 -0.35 -16.22 6.98
CA HIS B 163 1.05 -16.61 6.99
C HIS B 163 1.29 -17.54 8.17
N VAL B 164 1.96 -18.66 7.91
CA VAL B 164 2.47 -19.53 8.97
C VAL B 164 3.99 -19.54 8.89
N ILE B 165 4.63 -19.01 9.92
CA ILE B 165 6.09 -18.97 9.95
C ILE B 165 6.63 -20.33 10.36
N VAL B 166 7.55 -20.86 9.54
CA VAL B 166 8.22 -22.13 9.78
C VAL B 166 9.72 -21.97 9.56
N GLN B 167 10.50 -22.79 10.25
CA GLN B 167 11.94 -22.68 10.08
C GLN B 167 12.47 -23.63 9.01
N SER B 168 11.98 -24.86 8.96
CA SER B 168 12.48 -25.84 8.00
C SER B 168 11.43 -26.91 7.75
N PRO B 169 11.53 -27.64 6.64
CA PRO B 169 10.61 -28.76 6.40
C PRO B 169 10.59 -29.78 7.52
N GLN B 170 11.52 -29.75 8.46
CA GLN B 170 11.51 -30.73 9.53
C GLN B 170 10.55 -30.35 10.65
N ASP B 171 9.98 -29.16 10.61
CA ASP B 171 9.07 -28.68 11.65
C ASP B 171 7.81 -29.55 11.68
N PRO B 172 7.53 -30.23 12.81
CA PRO B 172 6.42 -31.19 12.83
C PRO B 172 5.04 -30.57 12.67
N ILE B 173 4.91 -29.24 12.64
CA ILE B 173 3.60 -28.65 12.37
C ILE B 173 3.16 -28.93 10.94
N ILE B 174 4.12 -29.08 10.01
CA ILE B 174 3.76 -29.21 8.60
C ILE B 174 2.98 -30.50 8.37
N ALA B 175 3.42 -31.59 8.97
CA ALA B 175 2.76 -32.88 8.76
C ALA B 175 1.42 -32.95 9.48
N THR B 176 1.40 -32.53 10.76
CA THR B 176 0.19 -32.65 11.57
C THR B 176 -0.99 -31.93 10.95
N VAL B 177 -0.76 -30.81 10.28
CA VAL B 177 -1.84 -30.02 9.72
C VAL B 177 -2.46 -30.76 8.53
N SER B 178 -1.81 -30.65 7.37
CA SER B 178 -2.36 -31.22 6.15
C SER B 178 -1.60 -32.49 5.74
N GLU B 200 -6.93 -20.12 3.16
CA GLU B 200 -5.75 -20.69 2.50
C GLU B 200 -4.53 -19.80 2.75
N TRP B 201 -3.56 -20.36 3.46
CA TRP B 201 -2.41 -19.66 3.99
C TRP B 201 -1.13 -20.16 3.34
N LYS B 202 -0.09 -19.33 3.37
CA LYS B 202 1.21 -19.67 2.81
C LYS B 202 2.21 -19.85 3.94
N PHE B 203 2.94 -20.98 3.91
CA PHE B 203 4.09 -21.17 4.80
C PHE B 203 5.24 -20.28 4.34
N VAL B 204 5.79 -19.48 5.26
CA VAL B 204 6.91 -18.63 4.90
C VAL B 204 8.03 -18.78 5.93
N TYR B 205 9.24 -18.55 5.47
CA TYR B 205 10.38 -18.43 6.33
C TYR B 205 10.39 -17.06 7.00
N PRO B 206 11.04 -16.94 8.13
CA PRO B 206 11.20 -15.65 8.79
C PRO B 206 11.59 -14.51 7.88
N ILE B 207 12.33 -14.81 6.81
CA ILE B 207 12.86 -13.75 5.96
C ILE B 207 11.73 -13.02 5.24
N TRP B 208 10.56 -13.65 5.07
CA TRP B 208 9.36 -12.88 4.81
C TRP B 208 9.22 -11.67 5.74
N ILE B 209 9.27 -11.89 7.07
CA ILE B 209 9.17 -10.77 8.00
C ILE B 209 10.39 -9.87 7.87
N LEU B 210 11.57 -10.47 7.75
CA LEU B 210 12.80 -9.72 7.94
C LEU B 210 13.08 -8.78 6.78
N TYR B 211 12.72 -9.15 5.55
CA TYR B 211 12.94 -8.25 4.41
C TYR B 211 12.13 -6.97 4.58
N HIS B 212 10.87 -7.11 4.98
CA HIS B 212 10.05 -5.92 5.17
C HIS B 212 10.68 -5.00 6.18
N PHE B 213 11.22 -5.57 7.25
CA PHE B 213 11.76 -4.72 8.30
C PHE B 213 13.02 -4.00 7.84
N LYS B 214 14.00 -4.73 7.35
CA LYS B 214 15.27 -4.11 6.97
C LYS B 214 15.11 -3.17 5.79
N MET B 215 14.26 -3.53 4.82
CA MET B 215 14.17 -2.76 3.59
C MET B 215 13.00 -1.78 3.56
N ALA B 216 12.15 -1.75 4.60
CA ALA B 216 10.91 -0.96 4.64
C ALA B 216 10.25 -0.87 3.26
N LYS B 217 9.74 -2.01 2.79
CA LYS B 217 9.23 -2.11 1.42
C LYS B 217 8.59 -3.48 1.16
N PRO B 218 7.52 -3.52 0.36
CA PRO B 218 6.87 -4.79 0.04
C PRO B 218 7.83 -5.82 -0.56
N LEU B 219 7.59 -7.09 -0.22
CA LEU B 219 8.31 -8.20 -0.82
C LEU B 219 7.52 -8.76 -1.99
N LYS B 220 8.18 -8.92 -3.13
CA LYS B 220 7.53 -9.45 -4.32
C LYS B 220 8.61 -9.78 -5.33
N GLY B 221 8.22 -10.53 -6.36
CA GLY B 221 9.16 -10.95 -7.38
C GLY B 221 9.90 -12.21 -6.99
N GLU B 222 11.15 -12.32 -7.47
CA GLU B 222 11.96 -13.50 -7.16
C GLU B 222 12.25 -13.60 -5.66
N LEU B 223 12.58 -12.47 -5.02
CA LEU B 223 12.92 -12.52 -3.61
C LEU B 223 11.79 -13.10 -2.77
N ALA B 224 10.54 -12.79 -3.12
CA ALA B 224 9.40 -13.36 -2.39
C ALA B 224 9.14 -14.81 -2.76
N THR B 225 9.88 -15.37 -3.71
CA THR B 225 9.81 -16.80 -3.97
C THR B 225 10.72 -17.57 -3.02
N LEU B 226 11.88 -16.99 -2.67
CA LEU B 226 12.83 -17.62 -1.76
C LEU B 226 12.39 -17.57 -0.31
N CYS B 227 11.33 -16.83 0.00
CA CYS B 227 10.81 -16.73 1.36
C CYS B 227 9.67 -17.68 1.62
N GLU B 228 9.32 -18.55 0.66
CA GLU B 228 8.25 -19.51 0.87
C GLU B 228 8.84 -20.88 1.10
N LEU B 229 8.15 -21.67 1.93
CA LEU B 229 8.59 -23.01 2.29
C LEU B 229 8.88 -23.85 1.05
N ASP B 230 10.08 -24.43 1.02
CA ASP B 230 10.48 -25.37 -0.03
C ASP B 230 10.81 -26.69 0.64
N MET B 231 9.94 -27.70 0.42
CA MET B 231 10.24 -29.05 0.91
C MET B 231 11.54 -29.61 0.34
N GLN B 232 12.10 -28.97 -0.70
CA GLN B 232 13.44 -29.27 -1.18
C GLN B 232 14.52 -28.64 -0.31
N ASP B 233 14.15 -27.87 0.70
CA ASP B 233 15.14 -27.31 1.63
C ASP B 233 15.32 -28.26 2.82
N THR B 234 15.83 -29.45 2.50
CA THR B 234 16.01 -30.53 3.48
C THR B 234 17.35 -30.48 4.19
N SER B 235 18.25 -29.57 3.82
CA SER B 235 19.54 -29.46 4.48
C SER B 235 19.71 -28.07 5.09
N GLU B 236 20.55 -28.00 6.12
CA GLU B 236 20.84 -26.72 6.75
C GLU B 236 21.51 -25.75 5.77
N GLU B 237 22.37 -26.27 4.88
CA GLU B 237 23.05 -25.43 3.91
C GLU B 237 22.06 -24.69 3.01
N GLN B 238 20.98 -25.36 2.64
CA GLN B 238 20.01 -24.74 1.75
C GLN B 238 19.35 -23.54 2.41
N LEU B 239 19.02 -23.64 3.71
CA LEU B 239 18.37 -22.50 4.35
C LEU B 239 19.31 -21.30 4.46
N PHE B 240 20.58 -21.53 4.83
CA PHE B 240 21.53 -20.42 4.86
C PHE B 240 21.56 -19.69 3.53
N ALA B 241 21.52 -20.43 2.43
CA ALA B 241 21.64 -19.80 1.12
C ALA B 241 20.45 -18.89 0.84
N LYS B 242 19.22 -19.40 1.06
CA LYS B 242 18.03 -18.57 0.95
C LYS B 242 18.13 -17.30 1.80
N TRP B 243 18.48 -17.45 3.08
CA TRP B 243 18.55 -16.27 3.93
C TRP B 243 19.55 -15.27 3.38
N GLU B 244 20.68 -15.74 2.86
CA GLU B 244 21.69 -14.81 2.37
C GLU B 244 21.21 -14.09 1.12
N GLU B 245 20.44 -14.78 0.27
CA GLU B 245 20.00 -14.15 -0.96
C GLU B 245 18.99 -13.05 -0.68
N VAL B 246 18.10 -13.27 0.30
CA VAL B 246 17.04 -12.31 0.55
C VAL B 246 17.55 -11.12 1.36
N ILE B 247 18.12 -11.37 2.55
CA ILE B 247 18.53 -10.28 3.42
C ILE B 247 20.03 -10.16 3.58
N GLY B 248 20.83 -10.92 2.83
CA GLY B 248 22.26 -10.70 2.84
C GLY B 248 22.63 -9.52 1.95
N ASP B 249 22.83 -9.81 0.66
CA ASP B 249 23.07 -8.78 -0.35
C ASP B 249 22.53 -9.23 -1.69
N THR B 258 14.76 7.43 6.00
CA THR B 258 13.67 8.40 5.91
C THR B 258 12.58 8.14 6.96
N LEU B 259 11.97 6.95 6.92
CA LEU B 259 11.01 6.58 7.96
C LEU B 259 11.70 6.48 9.31
N HIS B 260 13.01 6.25 9.31
CA HIS B 260 13.77 6.08 10.54
C HIS B 260 15.08 6.84 10.39
N PRO B 261 15.07 8.15 10.66
CA PRO B 261 16.22 8.97 10.31
C PRO B 261 17.42 8.83 11.25
N ASN B 262 17.22 8.46 12.51
CA ASN B 262 18.35 8.47 13.45
C ASN B 262 19.22 7.23 13.23
N LYS B 263 20.19 7.37 12.34
CA LYS B 263 21.12 6.29 12.05
C LYS B 263 22.42 6.41 12.86
N THR B 264 22.49 7.38 13.78
CA THR B 264 23.46 7.36 14.86
C THR B 264 22.79 6.94 16.16
N LEU B 265 21.70 6.16 16.05
CA LEU B 265 20.89 5.82 17.20
C LEU B 265 21.74 5.22 18.34
N PHE B 266 22.62 4.28 18.00
CA PHE B 266 23.48 3.62 18.98
C PHE B 266 24.94 4.07 18.86
N LYS B 267 25.17 5.30 18.40
CA LYS B 267 26.52 5.85 18.45
C LYS B 267 27.02 5.85 19.89
N ASN B 268 28.24 5.32 20.10
CA ASN B 268 28.87 5.18 21.40
C ASN B 268 28.21 4.13 22.29
N HIS B 269 27.51 3.18 21.70
CA HIS B 269 26.87 2.09 22.45
C HIS B 269 27.40 0.76 21.92
N HIS B 270 27.93 -0.04 22.82
CA HIS B 270 28.55 -1.32 22.49
C HIS B 270 27.71 -2.38 23.18
N PHE B 271 27.03 -3.20 22.38
CA PHE B 271 26.12 -4.21 22.90
C PHE B 271 26.81 -5.56 22.97
N ALA B 272 26.88 -6.13 24.16
CA ALA B 272 27.27 -7.51 24.33
C ALA B 272 26.03 -8.37 24.13
N ILE B 273 26.05 -9.25 23.14
CA ILE B 273 24.93 -10.12 22.86
C ILE B 273 25.12 -11.40 23.64
N SER B 274 24.15 -11.73 24.45
CA SER B 274 24.24 -12.92 25.29
C SER B 274 24.11 -14.18 24.44
N PRO B 275 24.84 -15.24 24.78
CA PRO B 275 24.57 -16.53 24.12
C PRO B 275 23.21 -17.13 24.46
N ASP B 276 22.51 -16.67 25.50
CA ASP B 276 21.26 -17.32 25.88
C ASP B 276 20.11 -17.02 24.90
N LEU B 277 20.24 -16.00 24.06
CA LEU B 277 19.52 -15.98 22.80
C LEU B 277 20.30 -16.92 21.90
N ASN B 278 19.77 -18.08 21.59
CA ASN B 278 20.55 -18.94 20.70
C ASN B 278 19.82 -18.90 19.35
N PHE B 279 20.17 -17.89 18.57
CA PHE B 279 19.53 -17.64 17.28
C PHE B 279 20.09 -18.58 16.24
N PHE B 280 19.23 -19.02 15.31
CA PHE B 280 19.70 -19.41 13.99
C PHE B 280 20.78 -18.44 13.55
N THR B 281 21.95 -18.95 13.18
CA THR B 281 23.09 -18.07 12.90
C THR B 281 22.73 -16.94 11.93
N PRO B 282 21.99 -17.14 10.85
CA PRO B 282 21.62 -15.98 10.01
C PRO B 282 20.74 -14.97 10.75
N LEU B 283 19.88 -15.42 11.66
CA LEU B 283 19.11 -14.46 12.43
C LEU B 283 20.03 -13.59 13.26
N TYR B 284 21.15 -14.14 13.72
CA TYR B 284 22.11 -13.31 14.42
C TYR B 284 22.84 -12.37 13.47
N TRP B 285 22.97 -12.75 12.20
CA TRP B 285 23.54 -11.82 11.22
C TRP B 285 22.62 -10.63 11.02
N PHE B 286 21.33 -10.88 10.87
CA PHE B 286 20.35 -9.81 10.87
C PHE B 286 20.46 -8.89 12.09
N LEU B 287 20.51 -9.46 13.29
CA LEU B 287 20.54 -8.59 14.47
C LEU B 287 21.84 -7.81 14.54
N LYS B 288 22.96 -8.44 14.17
CA LYS B 288 24.24 -7.75 14.16
C LYS B 288 24.19 -6.53 13.26
N GLY B 289 23.58 -6.69 12.07
CA GLY B 289 23.52 -5.58 11.13
C GLY B 289 22.63 -4.47 11.62
N PHE B 290 21.51 -4.84 12.27
CA PHE B 290 20.62 -3.84 12.83
C PHE B 290 21.39 -2.84 13.68
N ILE B 291 22.13 -3.34 14.68
CA ILE B 291 22.89 -2.49 15.59
C ILE B 291 24.00 -1.74 14.86
N GLU B 292 24.75 -2.43 14.01
CA GLU B 292 25.88 -1.80 13.35
C GLU B 292 25.44 -0.70 12.38
N ASP B 293 24.32 -0.91 11.66
CA ASP B 293 23.79 0.13 10.78
C ASP B 293 23.38 1.38 11.54
N LEU B 294 22.98 1.26 12.81
CA LEU B 294 22.63 2.44 13.59
C LEU B 294 23.82 2.96 14.38
N ASP B 295 25.03 2.61 13.94
CA ASP B 295 26.31 3.03 14.50
C ASP B 295 26.58 2.45 15.89
N GLY B 296 25.98 1.31 16.22
CA GLY B 296 26.37 0.58 17.41
C GLY B 296 27.47 -0.43 17.12
N LYS B 297 28.21 -0.80 18.16
CA LYS B 297 29.17 -1.90 18.10
C LYS B 297 28.60 -3.12 18.81
N VAL B 298 29.11 -4.29 18.43
CA VAL B 298 28.52 -5.58 18.79
C VAL B 298 29.65 -6.54 19.15
N THR B 299 29.60 -7.09 20.36
CA THR B 299 30.47 -8.18 20.78
C THR B 299 29.60 -9.37 21.18
N PRO B 300 29.60 -10.46 20.43
CA PRO B 300 28.89 -11.66 20.89
C PRO B 300 29.63 -12.27 22.06
N LEU B 301 28.90 -12.59 23.11
CA LEU B 301 29.48 -13.34 24.21
C LEU B 301 29.31 -14.83 23.96
N SER B 302 30.19 -15.63 24.57
CA SER B 302 30.09 -17.08 24.51
C SER B 302 30.09 -17.67 25.91
N PHE B 303 29.58 -18.90 26.02
CA PHE B 303 29.58 -19.58 27.30
C PHE B 303 31.00 -19.90 27.79
N SER B 304 31.98 -20.01 26.89
CA SER B 304 33.35 -20.34 27.25
C SER B 304 34.25 -19.13 27.37
N ASP B 305 33.69 -17.92 27.39
CA ASP B 305 34.52 -16.75 27.58
C ASP B 305 34.96 -16.63 29.03
N ASP B 306 36.08 -15.95 29.25
CA ASP B 306 36.38 -15.39 30.55
C ASP B 306 35.87 -13.95 30.54
N LEU B 307 34.76 -13.71 31.23
CA LEU B 307 34.05 -12.45 31.08
C LEU B 307 34.91 -11.26 31.52
N LYS B 308 35.69 -11.43 32.59
CA LYS B 308 36.63 -10.40 32.98
C LYS B 308 37.45 -9.90 31.79
N SER B 309 38.00 -10.84 31.01
CA SER B 309 38.92 -10.46 29.95
C SER B 309 38.20 -9.80 28.78
N VAL B 310 37.00 -10.31 28.42
CA VAL B 310 36.21 -9.63 27.39
C VAL B 310 35.89 -8.21 27.82
N TYR B 311 35.43 -8.03 29.06
CA TYR B 311 35.07 -6.69 29.51
C TYR B 311 36.29 -5.82 29.78
N GLN B 312 37.44 -6.43 30.04
CA GLN B 312 38.69 -5.67 30.03
C GLN B 312 39.14 -5.35 28.61
N ALA B 313 39.02 -6.32 27.69
CA ALA B 313 39.39 -6.08 26.30
C ALA B 313 38.49 -5.04 25.65
N PHE B 314 37.23 -4.94 26.09
CA PHE B 314 36.26 -4.05 25.49
C PHE B 314 35.75 -3.13 26.60
N PRO B 315 36.48 -2.05 26.87
CA PRO B 315 36.06 -1.14 27.96
C PRO B 315 34.81 -0.35 27.64
N ASP B 316 34.53 -0.07 26.36
CA ASP B 316 33.36 0.73 25.99
C ASP B 316 32.07 -0.07 25.96
N ILE B 317 32.06 -1.33 26.40
CA ILE B 317 30.79 -2.06 26.47
C ILE B 317 29.97 -1.48 27.61
N ASP B 318 28.76 -1.03 27.29
CA ASP B 318 27.87 -0.40 28.24
C ASP B 318 26.49 -1.05 28.25
N CYS B 319 26.26 -2.07 27.42
CA CYS B 319 24.93 -2.60 27.15
C CYS B 319 25.00 -4.11 27.06
N TYR B 320 24.04 -4.79 27.68
CA TYR B 320 23.91 -6.24 27.60
C TYR B 320 22.52 -6.54 27.06
N ILE B 321 22.47 -7.32 25.97
CA ILE B 321 21.23 -7.82 25.39
C ILE B 321 21.12 -9.30 25.74
N GLY B 322 20.02 -9.68 26.43
CA GLY B 322 19.89 -11.02 26.94
C GLY B 322 18.45 -11.51 26.84
N HIS B 323 18.28 -12.82 27.01
CA HIS B 323 16.92 -13.35 27.11
C HIS B 323 16.43 -13.44 28.56
N SER B 324 17.20 -14.05 29.45
CA SER B 324 16.72 -14.37 30.79
C SER B 324 17.35 -13.51 31.87
N ALA B 325 16.51 -13.11 32.85
CA ALA B 325 16.96 -12.30 33.98
C ALA B 325 17.91 -13.06 34.90
N ASN B 326 17.85 -14.39 34.86
CA ASN B 326 18.63 -15.28 35.73
C ASN B 326 19.84 -15.86 35.03
N SER B 327 20.26 -15.28 33.92
CA SER B 327 21.39 -15.84 33.20
C SER B 327 22.63 -15.79 34.10
N PRO B 328 23.36 -16.90 34.25
CA PRO B 328 24.69 -16.82 34.88
C PRO B 328 25.57 -15.76 34.24
N ILE B 329 25.57 -15.67 32.89
CA ILE B 329 26.31 -14.62 32.21
C ILE B 329 25.91 -13.26 32.75
N LEU B 330 24.60 -13.03 32.91
CA LEU B 330 24.14 -11.73 33.42
C LEU B 330 24.65 -11.49 34.84
N GLU B 331 24.54 -12.49 35.72
CA GLU B 331 25.03 -12.35 37.10
C GLU B 331 26.47 -11.85 37.13
N LYS B 332 27.35 -12.45 36.32
CA LYS B 332 28.76 -12.06 36.31
C LYS B 332 28.96 -10.70 35.68
N THR B 333 28.23 -10.40 34.59
CA THR B 333 28.31 -9.07 33.98
C THR B 333 28.00 -7.99 34.99
N LYS B 334 26.89 -8.12 35.73
CA LYS B 334 26.51 -7.12 36.72
C LYS B 334 27.59 -6.99 37.80
N SER B 335 28.21 -8.11 38.19
CA SER B 335 29.29 -8.08 39.17
C SER B 335 30.50 -7.34 38.61
N ILE B 336 30.88 -7.65 37.37
CA ILE B 336 32.04 -7.01 36.74
C ILE B 336 31.71 -5.57 36.36
N LYS B 337 30.52 -5.34 35.82
CA LYS B 337 30.12 -4.07 35.23
C LYS B 337 28.78 -3.66 35.84
N PRO B 338 28.79 -3.10 37.05
CA PRO B 338 27.51 -2.79 37.71
C PRO B 338 26.72 -1.65 37.06
N GLU B 339 27.35 -0.76 36.30
CA GLU B 339 26.62 0.34 35.66
C GLU B 339 26.05 -0.01 34.29
N ILE B 340 26.14 -1.28 33.86
CA ILE B 340 25.75 -1.65 32.50
C ILE B 340 24.23 -1.65 32.34
N HIS B 341 23.77 -1.24 31.16
CA HIS B 341 22.35 -1.35 30.79
C HIS B 341 22.00 -2.81 30.49
N VAL B 342 20.92 -3.30 31.10
CA VAL B 342 20.51 -4.69 30.97
C VAL B 342 19.15 -4.72 30.27
N GLY B 343 19.15 -5.12 29.01
CA GLY B 343 17.92 -5.08 28.22
C GLY B 343 17.68 -6.36 27.44
N ASN B 344 16.65 -6.37 26.59
CA ASN B 344 16.38 -7.57 25.80
C ASN B 344 16.22 -7.14 24.35
N VAL B 345 15.87 -8.06 23.46
CA VAL B 345 15.86 -7.74 22.05
C VAL B 345 14.74 -6.76 21.75
N SER B 346 13.63 -6.89 22.44
CA SER B 346 12.55 -5.90 22.34
C SER B 346 13.03 -4.49 22.68
N TRP B 347 13.94 -4.37 23.66
CA TRP B 347 14.51 -3.07 24.00
C TRP B 347 15.24 -2.43 22.83
N LEU B 348 15.84 -3.23 21.93
CA LEU B 348 16.48 -2.67 20.74
C LEU B 348 15.44 -2.14 19.76
N PHE B 349 14.42 -2.93 19.47
CA PHE B 349 13.42 -2.45 18.51
C PHE B 349 12.59 -1.34 19.10
N TYR B 350 12.48 -1.26 20.43
CA TYR B 350 11.71 -0.19 21.04
C TYR B 350 12.48 1.13 20.93
N MET B 351 13.78 1.09 21.22
CA MET B 351 14.61 2.27 21.00
C MET B 351 14.52 2.71 19.56
N PHE B 352 14.54 1.74 18.64
CA PHE B 352 14.34 2.01 17.21
C PHE B 352 13.00 2.72 16.98
N ALA B 353 11.93 2.18 17.54
CA ALA B 353 10.61 2.77 17.34
C ALA B 353 10.55 4.22 17.82
N LEU B 354 11.09 4.48 19.02
CA LEU B 354 11.10 5.84 19.57
C LEU B 354 12.18 6.72 18.97
N GLN B 355 13.13 6.14 18.24
CA GLN B 355 14.20 6.89 17.61
C GLN B 355 15.12 7.56 18.64
N LYS B 356 15.31 6.92 19.81
CA LYS B 356 16.19 7.48 20.83
C LYS B 356 16.65 6.40 21.78
N PHE B 357 17.97 6.27 21.95
CA PHE B 357 18.48 5.43 23.02
C PHE B 357 17.80 5.80 24.34
N THR B 358 17.05 4.85 24.91
CA THR B 358 16.27 5.05 26.12
C THR B 358 16.73 4.04 27.16
N PRO B 359 17.26 4.48 28.30
CA PRO B 359 17.67 3.53 29.35
C PRO B 359 16.53 2.58 29.69
N VAL B 360 16.88 1.34 29.99
CA VAL B 360 15.86 0.32 30.23
C VAL B 360 14.94 0.73 31.36
N SER B 361 15.48 1.40 32.39
CA SER B 361 14.66 1.87 33.51
C SER B 361 13.61 2.89 33.06
N GLN B 362 13.84 3.56 31.94
CA GLN B 362 12.87 4.50 31.39
C GLN B 362 12.01 3.86 30.33
N CYS B 363 12.10 2.54 30.17
CA CYS B 363 11.31 1.76 29.25
C CYS B 363 10.25 0.95 30.01
N LYS B 364 9.76 -0.11 29.39
CA LYS B 364 8.64 -0.88 29.91
C LYS B 364 9.14 -2.18 30.54
N LEU B 365 8.20 -2.90 31.16
CA LEU B 365 8.57 -4.15 31.82
C LEU B 365 8.94 -5.22 30.80
N ILE B 366 8.35 -5.21 29.61
CA ILE B 366 8.59 -6.25 28.62
C ILE B 366 9.94 -6.11 27.94
N HIS B 367 10.73 -5.13 28.36
CA HIS B 367 12.03 -4.84 27.74
C HIS B 367 13.21 -5.22 28.63
N GLN B 368 12.94 -5.75 29.80
CA GLN B 368 13.95 -6.35 30.65
C GLN B 368 14.13 -7.80 30.25
N PRO B 369 15.28 -8.39 30.56
CA PRO B 369 15.38 -9.84 30.49
C PRO B 369 14.23 -10.47 31.27
N PHE B 370 13.55 -11.40 30.61
CA PHE B 370 12.35 -11.98 31.16
C PHE B 370 12.61 -12.66 32.48
N HIS B 371 11.71 -12.42 33.41
CA HIS B 371 11.70 -13.14 34.67
C HIS B 371 11.43 -14.62 34.42
N ALA B 372 11.82 -15.44 35.40
CA ALA B 372 11.37 -16.82 35.43
C ALA B 372 9.84 -16.85 35.40
N LYS B 373 9.30 -17.98 35.03
CA LYS B 373 7.85 -18.02 34.85
C LYS B 373 7.19 -18.02 36.22
N LEU B 374 6.32 -17.04 36.45
CA LEU B 374 5.62 -16.93 37.73
C LEU B 374 4.51 -17.97 37.84
N PHE B 375 3.53 -17.93 36.93
CA PHE B 375 2.36 -18.81 36.92
C PHE B 375 2.54 -20.02 36.01
N THR B 376 1.65 -21.00 36.19
CA THR B 376 1.41 -22.05 35.19
C THR B 376 0.18 -21.71 34.36
N SER B 377 -0.02 -22.50 33.29
CA SER B 377 -1.28 -22.49 32.55
C SER B 377 -2.47 -22.61 33.47
N LYS B 378 -2.45 -23.60 34.37
CA LYS B 378 -3.63 -23.85 35.20
C LYS B 378 -3.96 -22.64 36.07
N GLU B 379 -2.92 -21.96 36.58
CA GLU B 379 -3.16 -20.81 37.44
C GLU B 379 -3.57 -19.58 36.66
N LEU B 380 -3.16 -19.50 35.39
CA LEU B 380 -3.31 -18.29 34.60
C LEU B 380 -3.66 -18.66 33.15
N THR B 381 -4.94 -18.63 32.83
CA THR B 381 -5.46 -18.82 31.47
C THR B 381 -6.50 -17.73 31.27
N VAL B 382 -6.12 -16.62 30.60
CA VAL B 382 -6.90 -15.38 30.69
C VAL B 382 -7.58 -15.03 29.37
N ALA B 383 -8.75 -14.42 29.51
CA ALA B 383 -9.37 -13.62 28.47
C ALA B 383 -9.35 -12.17 28.91
N TYR B 384 -9.52 -11.26 27.94
CA TYR B 384 -9.51 -9.83 28.20
C TYR B 384 -10.58 -9.15 27.34
N THR B 385 -10.76 -7.85 27.54
CA THR B 385 -11.65 -7.08 26.67
C THR B 385 -11.40 -5.58 26.86
N ASN B 386 -11.83 -4.80 25.86
CA ASN B 386 -11.67 -3.34 25.76
C ASN B 386 -10.21 -2.93 25.57
N TYR B 387 -9.37 -3.85 25.11
CA TYR B 387 -7.98 -3.55 24.81
C TYR B 387 -7.82 -3.44 23.30
N PHE B 388 -7.25 -2.33 22.84
CA PHE B 388 -7.31 -1.97 21.43
C PHE B 388 -5.90 -1.84 20.85
N GLY B 389 -5.67 -2.56 19.75
CA GLY B 389 -4.45 -2.35 18.97
C GLY B 389 -3.22 -2.92 19.67
N SER B 390 -2.19 -2.08 19.76
CA SER B 390 -0.97 -2.46 20.43
C SER B 390 -1.22 -2.90 21.89
N GLN B 391 -2.23 -2.33 22.55
CA GLN B 391 -2.65 -2.82 23.86
C GLN B 391 -2.90 -4.32 23.86
N ARG B 392 -3.62 -4.83 22.86
CA ARG B 392 -3.89 -6.27 22.83
C ARG B 392 -2.62 -7.09 22.64
N PHE B 393 -1.73 -6.63 21.75
CA PHE B 393 -0.41 -7.25 21.66
C PHE B 393 0.27 -7.29 23.02
N TYR B 394 0.19 -6.18 23.75
CA TYR B 394 0.87 -6.07 25.03
C TYR B 394 0.37 -7.08 26.06
N ILE B 395 -0.96 -7.28 26.17
CA ILE B 395 -1.50 -8.19 27.19
C ILE B 395 -1.03 -9.60 26.94
N GLN B 396 -1.17 -10.06 25.68
CA GLN B 396 -0.72 -11.41 25.30
C GLN B 396 0.75 -11.61 25.61
N ARG B 397 1.56 -10.58 25.41
CA ARG B 397 2.99 -10.73 25.68
C ARG B 397 3.21 -10.76 27.19
N LEU B 398 2.48 -9.91 27.92
CA LEU B 398 2.58 -9.88 29.37
C LEU B 398 2.13 -11.20 29.98
N VAL B 399 1.07 -11.80 29.44
CA VAL B 399 0.61 -13.08 29.94
C VAL B 399 1.60 -14.18 29.57
N GLU B 400 2.17 -14.09 28.38
CA GLU B 400 3.20 -15.03 27.95
C GLU B 400 4.36 -15.07 28.93
N ILE B 401 4.98 -13.92 29.18
CA ILE B 401 6.14 -13.90 30.04
C ILE B 401 5.76 -14.12 31.51
N LEU B 402 4.49 -13.91 31.87
CA LEU B 402 4.02 -14.29 33.20
C LEU B 402 3.87 -15.80 33.35
N GLY B 403 3.88 -16.55 32.25
CA GLY B 403 3.78 -17.99 32.31
C GLY B 403 2.44 -18.57 31.93
N GLY B 404 1.42 -17.75 31.65
CA GLY B 404 0.10 -18.23 31.37
C GLY B 404 -0.23 -18.23 29.89
N LEU B 405 -1.50 -18.57 29.60
CA LEU B 405 -2.09 -18.57 28.28
C LEU B 405 -3.13 -17.46 28.21
N SER B 406 -3.34 -16.93 27.00
CA SER B 406 -4.46 -16.03 26.73
C SER B 406 -5.29 -16.62 25.60
N THR B 407 -6.55 -16.19 25.53
CA THR B 407 -7.50 -16.75 24.57
C THR B 407 -8.35 -15.63 23.98
N PRO B 408 -8.75 -15.76 22.71
CA PRO B 408 -9.49 -14.68 22.06
C PRO B 408 -10.93 -14.56 22.53
N GLU B 409 -11.55 -15.69 22.84
CA GLU B 409 -12.94 -15.70 23.29
C GLU B 409 -13.02 -16.15 24.73
N LEU B 410 -13.94 -15.54 25.48
CA LEU B 410 -14.12 -15.86 26.89
C LEU B 410 -14.95 -17.13 27.04
N THR B 411 -14.40 -18.14 27.73
CA THR B 411 -15.14 -19.34 28.02
C THR B 411 -14.91 -19.73 29.47
N ARG B 412 -15.46 -20.89 29.84
CA ARG B 412 -15.40 -21.41 31.20
C ARG B 412 -14.06 -22.05 31.52
N LYS B 413 -13.18 -22.21 30.53
CA LYS B 413 -11.82 -22.64 30.82
C LYS B 413 -11.02 -21.51 31.47
N ASN B 414 -11.32 -20.27 31.10
CA ASN B 414 -10.58 -19.11 31.58
C ASN B 414 -10.52 -19.05 33.11
N THR B 415 -9.36 -18.69 33.62
CA THR B 415 -9.21 -18.44 35.04
C THR B 415 -9.54 -17.01 35.40
N HIS B 416 -9.29 -16.07 34.49
CA HIS B 416 -9.48 -14.66 34.79
C HIS B 416 -10.15 -13.98 33.61
N LEU B 417 -10.68 -12.81 33.87
CA LEU B 417 -10.98 -11.83 32.85
C LEU B 417 -10.27 -10.54 33.21
N ILE B 418 -9.42 -10.05 32.31
CA ILE B 418 -8.72 -8.78 32.50
C ILE B 418 -9.53 -7.67 31.84
N THR B 419 -9.71 -6.55 32.54
CA THR B 419 -10.44 -5.45 31.93
C THR B 419 -10.11 -4.14 32.64
N LYS B 420 -10.23 -3.03 31.91
CA LYS B 420 -10.00 -1.69 32.43
C LYS B 420 -11.28 -0.95 32.73
N SER B 421 -12.44 -1.51 32.37
CA SER B 421 -13.74 -0.84 32.48
C SER B 421 -14.82 -1.90 32.60
N THR B 422 -16.04 -1.44 32.84
CA THR B 422 -17.20 -2.32 33.04
C THR B 422 -18.18 -2.27 31.87
N ILE B 423 -17.69 -2.36 30.63
CA ILE B 423 -18.59 -2.34 29.48
C ILE B 423 -18.36 -3.61 28.65
N GLY B 424 -19.35 -3.91 27.81
CA GLY B 424 -19.30 -5.02 26.89
C GLY B 424 -19.85 -6.30 27.48
N LYS B 425 -20.21 -7.22 26.58
CA LYS B 425 -20.83 -8.47 27.00
C LYS B 425 -19.85 -9.38 27.73
N LYS B 426 -18.55 -9.19 27.54
CA LYS B 426 -17.58 -10.03 28.24
C LYS B 426 -17.57 -9.72 29.73
N PHE B 427 -17.52 -8.44 30.08
CA PHE B 427 -17.52 -8.09 31.50
C PHE B 427 -18.83 -8.51 32.17
N LYS B 428 -19.96 -8.42 31.45
CA LYS B 428 -21.23 -8.87 31.98
C LYS B 428 -21.20 -10.37 32.29
N VAL B 429 -20.89 -11.18 31.28
CA VAL B 429 -20.91 -12.63 31.44
C VAL B 429 -19.87 -13.08 32.47
N ALA B 430 -18.68 -12.48 32.44
CA ALA B 430 -17.64 -12.90 33.38
C ALA B 430 -17.94 -12.45 34.80
N LYS B 431 -18.59 -11.30 34.97
CA LYS B 431 -19.00 -10.89 36.31
C LYS B 431 -20.00 -11.87 36.90
N LYS B 432 -20.89 -12.43 36.07
CA LYS B 432 -21.83 -13.44 36.55
C LYS B 432 -21.10 -14.69 37.03
N TRP B 433 -20.33 -15.32 36.14
CA TRP B 433 -19.52 -16.47 36.54
C TRP B 433 -18.73 -16.22 37.81
N SER B 434 -18.33 -14.96 38.04
CA SER B 434 -17.49 -14.62 39.19
C SER B 434 -18.16 -14.97 40.52
N LEU B 435 -19.49 -14.94 40.57
CA LEU B 435 -20.20 -15.23 41.81
C LEU B 435 -20.11 -16.70 42.18
N ASP B 436 -20.35 -17.57 41.20
CA ASP B 436 -20.44 -19.02 41.39
C ASP B 436 -19.26 -19.54 42.21
N PRO B 437 -19.52 -20.21 43.35
CA PRO B 437 -18.41 -20.77 44.13
C PRO B 437 -17.73 -21.96 43.47
N GLN B 438 -18.37 -22.58 42.47
CA GLN B 438 -17.79 -23.75 41.81
C GLN B 438 -16.68 -23.33 40.83
N ASN B 439 -16.94 -22.34 39.99
CA ASN B 439 -16.02 -21.99 38.91
C ASN B 439 -14.76 -21.32 39.46
N ALA B 440 -14.91 -20.28 40.26
CA ALA B 440 -13.83 -19.49 40.85
C ALA B 440 -13.11 -18.63 39.81
N ILE B 441 -13.80 -18.20 38.76
CA ILE B 441 -13.20 -17.28 37.80
C ILE B 441 -13.17 -15.87 38.39
N ILE B 442 -12.14 -15.12 38.05
CA ILE B 442 -11.85 -13.84 38.70
C ILE B 442 -11.84 -12.73 37.65
N VAL B 443 -12.37 -11.57 38.03
CA VAL B 443 -12.36 -10.39 37.17
C VAL B 443 -11.45 -9.35 37.80
N THR B 444 -10.42 -8.94 37.05
CA THR B 444 -9.39 -8.09 37.61
C THR B 444 -8.90 -7.16 36.50
N ASN B 445 -8.20 -6.09 36.89
CA ASN B 445 -7.69 -5.16 35.90
C ASN B 445 -6.25 -5.51 35.50
N HIS B 446 -5.79 -4.91 34.40
CA HIS B 446 -4.48 -5.26 33.89
C HIS B 446 -3.35 -4.86 34.83
N MET B 447 -3.58 -3.88 35.71
CA MET B 447 -2.58 -3.58 36.73
C MET B 447 -2.27 -4.80 37.61
N TRP B 448 -3.14 -5.80 37.64
CA TRP B 448 -2.76 -7.04 38.31
C TRP B 448 -1.65 -7.78 37.55
N LEU B 449 -1.74 -7.82 36.23
CA LEU B 449 -0.68 -8.45 35.45
C LEU B 449 0.63 -7.68 35.61
N GLU B 450 0.58 -6.37 35.41
CA GLU B 450 1.80 -5.58 35.44
C GLU B 450 2.48 -5.66 36.79
N GLN B 451 1.69 -5.69 37.86
CA GLN B 451 2.27 -5.67 39.19
C GLN B 451 2.66 -7.06 39.67
N CYS B 452 2.00 -8.12 39.17
CA CYS B 452 2.54 -9.46 39.41
C CYS B 452 3.92 -9.61 38.79
N TYR B 453 4.10 -9.04 37.60
CA TYR B 453 5.36 -9.22 36.91
C TYR B 453 6.45 -8.35 37.52
N MET B 454 6.16 -7.04 37.68
CA MET B 454 7.12 -6.13 38.31
C MET B 454 7.61 -6.65 39.66
N ASN B 455 6.71 -7.18 40.50
CA ASN B 455 7.12 -7.69 41.81
C ASN B 455 7.50 -9.16 41.77
N ASN B 456 7.44 -9.80 40.60
CA ASN B 456 7.73 -11.22 40.49
C ASN B 456 7.08 -11.97 41.66
N SER B 457 5.77 -11.72 41.82
CA SER B 457 5.05 -12.31 42.93
C SER B 457 3.59 -12.46 42.53
N LYS B 458 3.00 -13.61 42.88
CA LYS B 458 1.58 -13.84 42.63
C LYS B 458 0.74 -13.04 43.62
N LEU B 459 0.41 -11.79 43.27
CA LEU B 459 -0.45 -10.98 44.10
C LEU B 459 -1.88 -11.50 44.07
N ASN B 460 -2.70 -11.01 45.00
CA ASN B 460 -4.12 -11.36 45.04
C ASN B 460 -4.90 -10.47 44.08
N PRO B 461 -5.54 -11.04 43.04
CA PRO B 461 -6.28 -10.22 42.07
C PRO B 461 -7.49 -9.52 42.64
N LYS B 462 -7.90 -9.85 43.85
CA LYS B 462 -9.09 -9.27 44.43
C LYS B 462 -8.79 -8.05 45.30
N ASP B 463 -7.52 -7.75 45.57
CA ASP B 463 -7.15 -6.51 46.23
C ASP B 463 -7.85 -5.34 45.54
N SER B 464 -8.12 -4.28 46.30
CA SER B 464 -8.96 -3.20 45.79
C SER B 464 -8.28 -2.47 44.65
N ARG B 465 -6.95 -2.38 44.65
CA ARG B 465 -6.28 -1.68 43.58
C ARG B 465 -6.45 -2.37 42.23
N PHE B 466 -6.77 -3.66 42.22
CA PHE B 466 -6.97 -4.45 41.01
C PHE B 466 -8.43 -4.68 40.65
N GLN B 467 -9.36 -4.18 41.45
CA GLN B 467 -10.77 -4.21 41.09
C GLN B 467 -11.22 -2.88 40.51
N ASN B 468 -10.39 -1.83 40.62
CA ASN B 468 -10.63 -0.54 40.02
C ASN B 468 -10.87 -0.68 38.52
N PHE B 469 -12.12 -0.50 38.09
CA PHE B 469 -12.46 -0.52 36.68
C PHE B 469 -12.79 0.88 36.16
N LYS B 470 -12.18 1.90 36.76
CA LYS B 470 -12.26 3.25 36.19
C LYS B 470 -10.87 3.77 35.82
N LEU B 471 -10.07 2.95 35.12
CA LEU B 471 -8.69 3.32 34.84
C LEU B 471 -8.58 4.34 33.70
N ASP B 472 -9.57 4.37 32.79
CA ASP B 472 -9.61 5.35 31.70
C ASP B 472 -9.52 6.79 32.20
N ASP B 473 -10.02 7.07 33.41
CA ASP B 473 -9.99 8.44 33.94
C ASP B 473 -8.58 8.97 34.13
N ASN B 474 -7.57 8.12 34.02
CA ASN B 474 -6.18 8.49 34.24
C ASN B 474 -5.35 7.94 33.10
N MET B 475 -4.71 8.83 32.35
CA MET B 475 -3.88 8.40 31.23
C MET B 475 -2.62 7.69 31.70
N GLY B 476 -2.10 8.08 32.87
CA GLY B 476 -0.94 7.44 33.44
C GLY B 476 -1.15 5.99 33.84
N TRP B 477 -2.39 5.50 33.78
CA TRP B 477 -2.71 4.13 34.17
C TRP B 477 -2.85 3.21 32.97
N ASN B 478 -2.78 3.76 31.75
CA ASN B 478 -2.65 2.96 30.52
C ASN B 478 -1.76 1.75 30.71
N ILE B 479 -2.15 0.61 30.14
CA ILE B 479 -1.34 -0.59 30.24
C ILE B 479 0.03 -0.33 29.62
N GLY B 480 1.06 -0.84 30.27
CA GLY B 480 2.42 -0.65 29.80
C GLY B 480 3.17 0.52 30.39
N GLN B 481 2.49 1.38 31.18
CA GLN B 481 3.15 2.51 31.83
C GLN B 481 3.78 2.17 33.17
N ILE B 482 3.45 1.04 33.80
CA ILE B 482 4.01 0.72 35.11
C ILE B 482 5.52 0.54 35.00
N GLY B 483 6.27 1.37 35.72
CA GLY B 483 7.71 1.29 35.76
C GLY B 483 8.48 2.49 35.23
N MET B 484 7.92 3.20 34.25
CA MET B 484 8.61 4.33 33.62
C MET B 484 8.81 5.49 34.59
#